data_4C71
#
_entry.id   4C71
#
_cell.length_a   74.320
_cell.length_b   88.870
_cell.length_c   184.290
_cell.angle_alpha   90.00
_cell.angle_beta   90.00
_cell.angle_gamma   90.00
#
_symmetry.space_group_name_H-M   'P 21 21 21'
#
loop_
_entity.id
_entity.type
_entity.pdbx_description
1 polymer '3-OXOACYL-[ACYL-CARRIER-PROTEIN] SYNTHASE 1'
2 non-polymer 1,2-ETHANEDIOL
3 non-polymer 'POTASSIUM ION'
4 non-polymer 'FORMIC ACID'
5 non-polymer (R,E)-3-(4-AZIDOBUTYL)-4-HYDROXY-5-METHYL-5-(2-METHYLBUTA-1,3-DIEN-1-YL)THIOPHEN-2(5H)-ONE
6 non-polymer '(2R)-2-(hexadecanoyloxy)-3-{[(10R)-10-methyloctadecanoyl]oxy}propyl phosphate'
7 water water
#
_entity_poly.entity_id   1
_entity_poly.type   'polypeptide(L)'
_entity_poly.pdbx_seq_one_letter_code
;MGSSHHHHHHSSGLVPRGSHMASMSQPSTANGGFPSVVVTAVTATTSISPDIESTWKGLLAGESGIHALEDEFVTKWDLA
VKIGGHLKDPVDSHMGRLDMRRMSYVQRMGKLLGGQLWESAGSPEVDPDRFAVVVGTGLGGAERIVESYDLMNAGGPRKV
SPLAVQMIMPNGAAAVIGLQLGARAGVMTPVSAQSSGSEAIAHAWRQIVMGDADVAVCGGVEGPIEALPIAAFSMMRAMS
TRNDEPERASRPFDKDRDGFVFGEAGALMLIETEEHAKARGAKPLARLLGAGITSDAFHMVAPAADGVRAGRAMTRSLEL
AGLSPADIDHVNAHGTATPIGDAAEANAIRVAGCDQAAVYAPKSALGHSIGAVGALESVLTVLTLRDGVIPPTLNYETPD
PEIDLDVVAGEPRYGDYRYAVNNSFGFGGHNVALAFGRY
;
_entity_poly.pdbx_strand_id   A,B
#
loop_
_chem_comp.id
_chem_comp.type
_chem_comp.name
_chem_comp.formula
7RD non-polymer (R,E)-3-(4-AZIDOBUTYL)-4-HYDROXY-5-METHYL-5-(2-METHYLBUTA-1,3-DIEN-1-YL)THIOPHEN-2(5H)-ONE 'C14 H19 N3 O2 S'
EDO non-polymer 1,2-ETHANEDIOL 'C2 H6 O2'
FMT non-polymer 'FORMIC ACID' 'C H2 O2'
K non-polymer 'POTASSIUM ION' 'K 1'
M7U non-polymer '(2R)-2-(hexadecanoyloxy)-3-{[(10R)-10-methyloctadecanoyl]oxy}propyl phosphate' 'C38 H75 O8 P'
#
# COMPACT_ATOMS: atom_id res chain seq x y z
N SER A 25 -8.94 -5.47 30.71
CA SER A 25 -8.34 -6.27 29.59
C SER A 25 -8.86 -5.85 28.20
N GLN A 26 -7.97 -6.00 27.21
CA GLN A 26 -8.15 -5.42 25.89
C GLN A 26 -9.04 -6.28 24.99
N PRO A 27 -9.64 -5.68 23.96
CA PRO A 27 -10.53 -6.51 23.14
C PRO A 27 -9.78 -7.66 22.44
N SER A 28 -10.44 -8.80 22.31
CA SER A 28 -9.96 -9.90 21.46
C SER A 28 -11.13 -10.50 20.71
N THR A 29 -10.87 -11.39 19.76
CA THR A 29 -12.00 -12.07 19.13
C THR A 29 -12.67 -13.00 20.16
N ALA A 30 -11.88 -13.70 20.96
CA ALA A 30 -12.40 -14.66 21.96
C ALA A 30 -13.27 -13.97 22.99
N ASN A 31 -12.90 -12.80 23.48
CA ASN A 31 -13.71 -12.18 24.53
C ASN A 31 -14.86 -11.35 23.97
N GLY A 32 -15.02 -11.31 22.65
CA GLY A 32 -16.14 -10.61 22.04
C GLY A 32 -15.88 -9.11 21.89
N GLY A 33 -14.66 -8.65 22.19
CA GLY A 33 -14.28 -7.27 21.90
C GLY A 33 -14.20 -6.90 20.43
N PHE A 34 -13.92 -7.89 19.58
CA PHE A 34 -14.02 -7.70 18.13
C PHE A 34 -15.19 -8.56 17.63
N PRO A 35 -15.87 -8.13 16.55
CA PRO A 35 -16.88 -9.06 16.02
C PRO A 35 -16.21 -10.27 15.39
N SER A 36 -16.94 -11.38 15.31
CA SER A 36 -16.45 -12.60 14.66
C SER A 36 -16.44 -12.38 13.15
N VAL A 37 -15.32 -12.73 12.50
CA VAL A 37 -15.11 -12.55 11.06
C VAL A 37 -14.89 -13.95 10.49
N VAL A 38 -15.62 -14.26 9.43
CA VAL A 38 -15.47 -15.57 8.78
C VAL A 38 -15.07 -15.45 7.31
N VAL A 39 -14.43 -16.50 6.82
CA VAL A 39 -14.05 -16.57 5.42
C VAL A 39 -15.19 -17.38 4.78
N THR A 40 -15.78 -16.86 3.70
CA THR A 40 -16.96 -17.50 3.11
C THR A 40 -16.76 -17.89 1.65
N ALA A 41 -15.64 -17.51 1.05
CA ALA A 41 -15.35 -17.96 -0.35
C ALA A 41 -13.86 -17.69 -0.61
N VAL A 42 -13.26 -18.50 -1.48
CA VAL A 42 -11.87 -18.35 -1.82
C VAL A 42 -11.74 -18.64 -3.32
N THR A 43 -10.77 -18.01 -3.96
CA THR A 43 -10.47 -18.26 -5.40
CA THR A 43 -10.46 -18.29 -5.37
C THR A 43 -8.95 -18.12 -5.56
N ALA A 44 -8.34 -18.89 -6.46
CA ALA A 44 -6.91 -18.72 -6.73
C ALA A 44 -6.56 -19.34 -8.09
N THR A 45 -5.56 -18.75 -8.74
CA THR A 45 -5.07 -19.36 -9.98
C THR A 45 -3.63 -19.70 -9.66
N THR A 46 -3.17 -20.88 -10.06
CA THR A 46 -1.79 -21.25 -9.66
C THR A 46 -1.09 -21.99 -10.81
N SER A 47 0.18 -22.32 -10.60
CA SER A 47 0.89 -23.21 -11.51
C SER A 47 0.38 -24.67 -11.60
N ILE A 48 -0.45 -25.10 -10.64
CA ILE A 48 -1.10 -26.41 -10.70
C ILE A 48 -2.48 -26.38 -11.39
N SER A 49 -3.27 -25.34 -11.13
CA SER A 49 -4.65 -25.30 -11.63
C SER A 49 -5.22 -23.90 -11.59
N PRO A 50 -6.19 -23.58 -12.49
CA PRO A 50 -6.98 -22.36 -12.25
C PRO A 50 -8.02 -22.54 -11.15
N ASP A 51 -8.30 -23.78 -10.73
CA ASP A 51 -9.41 -24.11 -9.81
CA ASP A 51 -9.42 -24.05 -9.81
C ASP A 51 -8.79 -24.34 -8.43
N ILE A 52 -9.09 -23.52 -7.42
CA ILE A 52 -8.38 -23.70 -6.12
C ILE A 52 -8.65 -25.10 -5.52
N GLU A 53 -9.84 -25.66 -5.73
CA GLU A 53 -10.11 -27.01 -5.18
C GLU A 53 -9.24 -28.05 -5.90
N SER A 54 -8.98 -27.85 -7.19
CA SER A 54 -8.05 -28.75 -7.89
C SER A 54 -6.60 -28.53 -7.55
N THR A 55 -6.19 -27.27 -7.33
CA THR A 55 -4.85 -27.05 -6.72
C THR A 55 -4.68 -27.79 -5.41
N TRP A 56 -5.69 -27.70 -4.54
CA TRP A 56 -5.64 -28.33 -3.23
C TRP A 56 -5.53 -29.86 -3.34
N LYS A 57 -6.39 -30.48 -4.14
CA LYS A 57 -6.25 -31.91 -4.36
CA LYS A 57 -6.28 -31.92 -4.44
C LYS A 57 -4.89 -32.27 -4.96
N GLY A 58 -4.35 -31.45 -5.87
CA GLY A 58 -3.01 -31.74 -6.42
C GLY A 58 -1.90 -31.62 -5.38
N LEU A 59 -2.01 -30.62 -4.50
CA LEU A 59 -1.01 -30.49 -3.41
C LEU A 59 -1.01 -31.75 -2.56
N LEU A 60 -2.20 -32.17 -2.17
CA LEU A 60 -2.34 -33.32 -1.27
C LEU A 60 -1.79 -34.60 -1.93
N ALA A 61 -1.88 -34.65 -3.24
CA ALA A 61 -1.35 -35.78 -4.00
C ALA A 61 0.15 -35.61 -4.31
N GLY A 62 0.78 -34.55 -3.81
CA GLY A 62 2.25 -34.46 -3.99
C GLY A 62 2.68 -33.79 -5.28
N GLU A 63 1.75 -33.14 -5.98
CA GLU A 63 2.04 -32.46 -7.25
CA GLU A 63 2.03 -32.45 -7.25
C GLU A 63 2.83 -31.16 -7.05
N SER A 64 3.72 -30.88 -8.00
CA SER A 64 4.50 -29.64 -8.05
C SER A 64 4.05 -28.89 -9.28
N GLY A 65 4.01 -27.56 -9.20
CA GLY A 65 3.71 -26.71 -10.39
C GLY A 65 4.98 -26.21 -11.05
N ILE A 66 6.16 -26.69 -10.63
CA ILE A 66 7.43 -26.08 -11.06
C ILE A 66 8.05 -26.91 -12.19
N HIS A 67 8.32 -26.30 -13.34
CA HIS A 67 8.78 -27.02 -14.53
C HIS A 67 9.95 -26.31 -15.19
N ALA A 68 10.57 -26.93 -16.18
CA ALA A 68 11.50 -26.20 -17.06
C ALA A 68 10.75 -25.03 -17.71
N LEU A 69 11.36 -23.84 -17.77
CA LEU A 69 10.73 -22.74 -18.49
C LEU A 69 11.01 -22.91 -19.97
N GLU A 70 9.97 -22.84 -20.79
CA GLU A 70 10.18 -23.03 -22.22
CA GLU A 70 10.08 -23.03 -22.24
C GLU A 70 10.10 -21.71 -22.99
N ASP A 71 9.97 -20.58 -22.27
CA ASP A 71 9.85 -19.26 -22.90
C ASP A 71 11.07 -18.98 -23.77
N GLU A 72 10.84 -18.36 -24.93
CA GLU A 72 11.90 -17.84 -25.79
CA GLU A 72 11.97 -17.97 -25.75
C GLU A 72 12.90 -16.99 -25.01
N PHE A 73 12.39 -16.20 -24.06
CA PHE A 73 13.28 -15.23 -23.40
C PHE A 73 14.45 -15.91 -22.65
N VAL A 74 14.26 -17.17 -22.26
CA VAL A 74 15.27 -17.88 -21.48
C VAL A 74 16.48 -18.11 -22.37
N THR A 75 16.24 -18.59 -23.58
CA THR A 75 17.32 -18.82 -24.53
CA THR A 75 17.37 -18.81 -24.46
C THR A 75 17.88 -17.49 -25.00
N LYS A 76 17.01 -16.50 -25.18
CA LYS A 76 17.45 -15.24 -25.78
C LYS A 76 18.55 -14.61 -24.91
N TRP A 77 18.33 -14.66 -23.60
CA TRP A 77 19.25 -14.06 -22.66
C TRP A 77 20.16 -15.08 -21.99
N ASP A 78 20.02 -16.36 -22.35
CA ASP A 78 20.71 -17.44 -21.64
C ASP A 78 20.63 -17.27 -20.12
N LEU A 79 19.42 -17.21 -19.56
CA LEU A 79 19.28 -16.88 -18.13
C LEU A 79 19.80 -18.05 -17.29
N ALA A 80 20.48 -17.74 -16.18
CA ALA A 80 21.02 -18.78 -15.30
C ALA A 80 19.90 -19.61 -14.66
N VAL A 81 18.75 -18.97 -14.43
CA VAL A 81 17.53 -19.63 -13.93
C VAL A 81 16.63 -20.04 -15.10
N LYS A 82 16.34 -21.33 -15.19
CA LYS A 82 15.58 -21.86 -16.30
C LYS A 82 14.39 -22.69 -15.81
N ILE A 83 13.89 -22.38 -14.62
CA ILE A 83 12.81 -23.14 -14.00
C ILE A 83 11.82 -22.15 -13.40
N GLY A 84 10.59 -22.62 -13.22
CA GLY A 84 9.57 -21.79 -12.58
C GLY A 84 8.22 -22.41 -12.90
N GLY A 85 7.18 -21.85 -12.28
CA GLY A 85 5.81 -22.33 -12.55
C GLY A 85 5.01 -21.21 -13.16
N HIS A 86 4.70 -21.33 -14.45
CA HIS A 86 3.69 -20.43 -15.02
C HIS A 86 2.31 -20.92 -14.59
N LEU A 87 1.32 -20.03 -14.59
CA LEU A 87 -0.07 -20.45 -14.29
C LEU A 87 -0.43 -21.62 -15.22
N LYS A 88 -1.14 -22.60 -14.67
CA LYS A 88 -1.71 -23.68 -15.53
C LYS A 88 -2.63 -23.12 -16.63
N ASP A 89 -3.41 -22.10 -16.29
CA ASP A 89 -4.39 -21.48 -17.20
C ASP A 89 -4.08 -19.98 -17.26
N PRO A 90 -3.48 -19.55 -18.38
CA PRO A 90 -3.06 -18.15 -18.48
C PRO A 90 -4.23 -17.18 -18.35
N VAL A 91 -4.03 -16.14 -17.57
CA VAL A 91 -5.04 -15.08 -17.39
C VAL A 91 -5.54 -14.50 -18.71
N ASP A 92 -4.64 -14.28 -19.65
CA ASP A 92 -5.06 -13.55 -20.84
C ASP A 92 -5.91 -14.40 -21.79
N SER A 93 -6.01 -15.71 -21.56
CA SER A 93 -6.89 -16.54 -22.36
CA SER A 93 -6.90 -16.52 -22.38
C SER A 93 -8.34 -16.19 -22.02
N HIS A 94 -8.53 -15.46 -20.93
CA HIS A 94 -9.86 -15.08 -20.50
C HIS A 94 -10.20 -13.63 -20.80
N MET A 95 -9.32 -12.91 -21.49
CA MET A 95 -9.43 -11.45 -21.61
C MET A 95 -9.79 -11.08 -23.03
N GLY A 96 -10.75 -10.16 -23.16
CA GLY A 96 -11.16 -9.71 -24.49
C GLY A 96 -10.24 -8.64 -25.08
N ARG A 97 -10.52 -8.24 -26.33
CA ARG A 97 -9.68 -7.25 -27.00
C ARG A 97 -9.47 -5.95 -26.21
N LEU A 98 -10.56 -5.38 -25.66
CA LEU A 98 -10.42 -4.11 -24.91
C LEU A 98 -9.69 -4.27 -23.58
N ASP A 99 -9.96 -5.37 -22.87
CA ASP A 99 -9.27 -5.59 -21.60
C ASP A 99 -7.77 -5.67 -21.82
N MET A 100 -7.34 -6.25 -22.94
CA MET A 100 -5.91 -6.35 -23.25
C MET A 100 -5.29 -4.98 -23.49
N ARG A 101 -6.11 -4.01 -23.88
CA ARG A 101 -5.61 -2.69 -24.27
CA ARG A 101 -5.58 -2.71 -24.25
C ARG A 101 -5.84 -1.63 -23.18
N ARG A 102 -6.56 -1.95 -22.12
CA ARG A 102 -7.00 -0.94 -21.17
C ARG A 102 -6.59 -1.26 -19.75
N MET A 103 -6.02 -2.46 -19.52
CA MET A 103 -5.60 -2.83 -18.17
C MET A 103 -4.20 -3.39 -18.21
N SER A 104 -3.45 -3.20 -17.13
CA SER A 104 -2.19 -3.92 -17.00
C SER A 104 -2.48 -5.35 -16.58
N TYR A 105 -1.47 -6.19 -16.65
CA TYR A 105 -1.64 -7.61 -16.39
C TYR A 105 -2.23 -7.83 -15.01
N VAL A 106 -1.70 -7.15 -14.00
CA VAL A 106 -2.25 -7.37 -12.64
C VAL A 106 -3.70 -6.94 -12.50
N GLN A 107 -4.11 -5.93 -13.28
CA GLN A 107 -5.50 -5.57 -13.35
C GLN A 107 -6.32 -6.68 -14.00
N ARG A 108 -5.82 -7.24 -15.10
CA ARG A 108 -6.55 -8.35 -15.77
C ARG A 108 -6.70 -9.54 -14.82
N MET A 109 -5.63 -9.87 -14.09
CA MET A 109 -5.74 -10.96 -13.10
C MET A 109 -6.78 -10.61 -12.02
N GLY A 110 -6.74 -9.36 -11.54
CA GLY A 110 -7.70 -8.91 -10.50
C GLY A 110 -9.13 -9.00 -11.00
N LYS A 111 -9.40 -8.61 -12.24
CA LYS A 111 -10.79 -8.67 -12.73
C LYS A 111 -11.21 -10.15 -12.82
N LEU A 112 -10.32 -11.00 -13.32
CA LEU A 112 -10.67 -12.39 -13.54
C LEU A 112 -11.01 -13.03 -12.18
N LEU A 113 -10.12 -12.86 -11.21
CA LEU A 113 -10.30 -13.49 -9.88
C LEU A 113 -11.46 -12.85 -9.13
N GLY A 114 -11.65 -11.54 -9.26
CA GLY A 114 -12.76 -10.92 -8.52
C GLY A 114 -14.10 -11.51 -8.98
N GLY A 115 -14.25 -11.66 -10.30
CA GLY A 115 -15.48 -12.22 -10.89
C GLY A 115 -15.69 -13.66 -10.42
N GLN A 116 -14.62 -14.45 -10.45
CA GLN A 116 -14.71 -15.85 -10.01
C GLN A 116 -15.09 -15.94 -8.54
N LEU A 117 -14.48 -15.09 -7.72
CA LEU A 117 -14.75 -15.14 -6.28
C LEU A 117 -16.23 -14.82 -6.06
N TRP A 118 -16.72 -13.75 -6.71
CA TRP A 118 -18.07 -13.30 -6.42
C TRP A 118 -19.07 -14.40 -6.84
N GLU A 119 -18.82 -15.03 -7.99
CA GLU A 119 -19.65 -16.17 -8.40
CA GLU A 119 -19.66 -16.16 -8.39
C GLU A 119 -19.64 -17.29 -7.36
N SER A 120 -18.45 -17.65 -6.90
CA SER A 120 -18.30 -18.68 -5.89
CA SER A 120 -18.28 -18.66 -5.88
C SER A 120 -19.07 -18.36 -4.63
N ALA A 121 -19.18 -17.07 -4.28
CA ALA A 121 -19.92 -16.67 -3.11
C ALA A 121 -21.44 -16.64 -3.34
N GLY A 122 -21.91 -17.09 -4.50
CA GLY A 122 -23.34 -17.07 -4.84
C GLY A 122 -23.80 -15.68 -5.29
N SER A 123 -22.86 -14.87 -5.77
CA SER A 123 -23.19 -13.51 -6.27
C SER A 123 -24.10 -12.68 -5.35
N PRO A 124 -23.68 -12.46 -4.11
CA PRO A 124 -24.59 -11.87 -3.11
C PRO A 124 -24.81 -10.40 -3.44
N GLU A 125 -25.99 -9.87 -3.12
CA GLU A 125 -26.20 -8.44 -3.21
C GLU A 125 -25.87 -7.92 -1.81
N VAL A 126 -24.81 -7.13 -1.69
CA VAL A 126 -24.43 -6.65 -0.36
C VAL A 126 -24.63 -5.13 -0.34
N ASP A 127 -24.61 -4.52 0.83
CA ASP A 127 -24.69 -3.07 0.94
C ASP A 127 -23.31 -2.53 0.47
N PRO A 128 -23.27 -1.82 -0.68
CA PRO A 128 -21.93 -1.37 -1.14
C PRO A 128 -21.24 -0.50 -0.09
N ASP A 129 -22.03 0.25 0.69
CA ASP A 129 -21.42 1.17 1.66
C ASP A 129 -20.82 0.46 2.87
N ARG A 130 -20.96 -0.86 2.91
CA ARG A 130 -20.37 -1.64 3.99
C ARG A 130 -19.41 -2.66 3.41
N PHE A 131 -19.03 -2.47 2.16
CA PHE A 131 -18.21 -3.47 1.38
C PHE A 131 -16.87 -2.83 0.99
N ALA A 132 -15.78 -3.41 1.50
CA ALA A 132 -14.43 -2.92 1.20
C ALA A 132 -13.65 -3.90 0.33
N VAL A 133 -12.64 -3.41 -0.37
CA VAL A 133 -11.68 -4.24 -1.09
C VAL A 133 -10.26 -3.93 -0.64
N VAL A 134 -9.45 -4.96 -0.35
CA VAL A 134 -8.06 -4.71 0.02
C VAL A 134 -7.19 -5.72 -0.72
N VAL A 135 -6.42 -5.27 -1.72
CA VAL A 135 -5.65 -6.17 -2.57
C VAL A 135 -4.24 -5.61 -2.71
N GLY A 136 -3.26 -6.41 -2.30
CA GLY A 136 -1.85 -6.05 -2.39
C GLY A 136 -1.25 -6.55 -3.70
N THR A 137 -0.10 -6.00 -4.05
CA THR A 137 0.69 -6.48 -5.17
C THR A 137 2.11 -6.01 -4.93
N GLY A 138 3.07 -6.66 -5.55
CA GLY A 138 4.47 -6.29 -5.24
C GLY A 138 4.89 -5.02 -5.95
N LEU A 139 4.40 -4.81 -7.17
CA LEU A 139 4.93 -3.73 -8.01
C LEU A 139 3.83 -2.93 -8.73
N GLY A 140 2.90 -3.63 -9.36
CA GLY A 140 1.85 -2.94 -10.15
C GLY A 140 2.01 -3.19 -11.65
N GLY A 141 1.47 -2.28 -12.47
CA GLY A 141 1.42 -2.41 -13.93
C GLY A 141 2.72 -1.99 -14.57
N ALA A 142 3.82 -2.57 -14.09
CA ALA A 142 5.15 -2.12 -14.54
C ALA A 142 5.44 -2.31 -16.01
N GLU A 143 4.84 -3.31 -16.65
CA GLU A 143 5.04 -3.47 -18.09
C GLU A 143 4.54 -2.23 -18.81
N ARG A 144 3.49 -1.58 -18.28
CA ARG A 144 3.01 -0.38 -18.96
C ARG A 144 3.95 0.80 -18.76
N ILE A 145 4.77 0.79 -17.71
CA ILE A 145 5.81 1.82 -17.58
C ILE A 145 6.81 1.68 -18.74
N VAL A 146 7.33 0.46 -18.93
CA VAL A 146 8.39 0.34 -19.92
C VAL A 146 7.80 0.49 -21.33
N GLU A 147 6.54 0.10 -21.56
CA GLU A 147 5.89 0.32 -22.86
CA GLU A 147 5.90 0.31 -22.87
C GLU A 147 5.73 1.81 -23.13
N SER A 148 5.30 2.57 -22.14
CA SER A 148 5.11 4.02 -22.27
C SER A 148 6.44 4.73 -22.54
N TYR A 149 7.46 4.32 -21.80
CA TYR A 149 8.83 4.80 -22.02
C TYR A 149 9.26 4.58 -23.48
N ASP A 150 9.15 3.35 -23.96
CA ASP A 150 9.54 3.05 -25.35
C ASP A 150 8.66 3.86 -26.30
N LEU A 151 7.35 3.96 -26.03
CA LEU A 151 6.50 4.64 -27.01
C LEU A 151 6.91 6.10 -27.16
N MET A 152 7.18 6.73 -26.02
CA MET A 152 7.57 8.15 -26.02
C MET A 152 8.96 8.35 -26.64
N ASN A 153 9.89 7.46 -26.32
CA ASN A 153 11.22 7.60 -26.91
C ASN A 153 11.16 7.51 -28.42
N ALA A 154 10.25 6.68 -28.93
CA ALA A 154 10.16 6.44 -30.36
C ALA A 154 9.38 7.51 -31.11
N GLY A 155 8.38 8.10 -30.46
CA GLY A 155 7.35 8.82 -31.20
C GLY A 155 6.90 10.08 -30.48
N GLY A 156 7.39 10.32 -29.27
CA GLY A 156 7.11 11.57 -28.56
C GLY A 156 5.94 11.43 -27.59
N PRO A 157 5.61 12.51 -26.88
CA PRO A 157 4.70 12.46 -25.74
C PRO A 157 3.27 12.09 -26.14
N ARG A 158 2.88 12.38 -27.38
CA ARG A 158 1.50 12.08 -27.84
C ARG A 158 1.31 10.60 -28.16
N LYS A 159 2.35 9.78 -28.03
CA LYS A 159 2.21 8.36 -28.20
C LYS A 159 1.91 7.64 -26.90
N VAL A 160 1.93 8.35 -25.77
CA VAL A 160 1.66 7.70 -24.47
C VAL A 160 0.14 7.61 -24.31
N SER A 161 -0.36 6.43 -23.95
CA SER A 161 -1.80 6.25 -23.78
C SER A 161 -2.36 7.13 -22.66
N PRO A 162 -3.55 7.75 -22.85
CA PRO A 162 -4.27 8.40 -21.76
C PRO A 162 -4.68 7.43 -20.65
N LEU A 163 -4.54 6.13 -20.86
CA LEU A 163 -4.86 5.16 -19.77
C LEU A 163 -3.59 4.67 -19.04
N ALA A 164 -2.42 5.14 -19.48
CA ALA A 164 -1.14 4.68 -18.88
C ALA A 164 -1.11 4.87 -17.35
N VAL A 165 -1.47 6.06 -16.88
CA VAL A 165 -1.45 6.30 -15.44
C VAL A 165 -2.26 5.25 -14.67
N GLN A 166 -3.51 5.08 -15.09
CA GLN A 166 -4.42 4.24 -14.31
C GLN A 166 -4.09 2.75 -14.47
N MET A 167 -3.35 2.38 -15.53
CA MET A 167 -2.88 0.99 -15.65
C MET A 167 -1.65 0.74 -14.77
N ILE A 168 -0.81 1.77 -14.58
CA ILE A 168 0.49 1.61 -13.96
C ILE A 168 0.34 1.68 -12.44
N MET A 169 -0.49 2.59 -11.97
CA MET A 169 -0.54 2.86 -10.51
C MET A 169 -0.75 1.56 -9.69
N PRO A 170 0.02 1.36 -8.61
CA PRO A 170 -0.05 0.03 -7.95
C PRO A 170 -1.38 -0.33 -7.30
N ASN A 171 -2.20 0.69 -6.99
CA ASN A 171 -3.56 0.48 -6.47
C ASN A 171 -4.51 0.07 -7.61
N GLY A 172 -4.01 -0.01 -8.83
CA GLY A 172 -4.85 -0.27 -10.04
C GLY A 172 -5.65 -1.56 -9.97
N ALA A 173 -5.03 -2.65 -9.50
CA ALA A 173 -5.74 -3.93 -9.46
C ALA A 173 -6.88 -3.88 -8.42
N ALA A 174 -6.58 -3.37 -7.22
CA ALA A 174 -7.58 -3.21 -6.22
C ALA A 174 -8.73 -2.35 -6.77
N ALA A 175 -8.38 -1.25 -7.42
CA ALA A 175 -9.39 -0.31 -7.88
C ALA A 175 -10.28 -0.98 -8.95
N VAL A 176 -9.67 -1.79 -9.81
CA VAL A 176 -10.46 -2.54 -10.79
C VAL A 176 -11.49 -3.44 -10.09
N ILE A 177 -11.06 -4.12 -9.04
CA ILE A 177 -11.96 -5.06 -8.36
C ILE A 177 -13.05 -4.24 -7.65
N GLY A 178 -12.65 -3.17 -6.95
CA GLY A 178 -13.64 -2.30 -6.32
C GLY A 178 -14.74 -1.80 -7.28
N LEU A 179 -14.35 -1.41 -8.50
CA LEU A 179 -15.34 -0.94 -9.47
C LEU A 179 -16.18 -2.12 -9.98
N GLN A 180 -15.51 -3.24 -10.23
CA GLN A 180 -16.22 -4.42 -10.72
C GLN A 180 -17.31 -4.89 -9.77
N LEU A 181 -17.00 -4.90 -8.46
CA LEU A 181 -17.89 -5.54 -7.50
C LEU A 181 -18.74 -4.50 -6.76
N GLY A 182 -18.37 -3.23 -6.86
CA GLY A 182 -19.21 -2.15 -6.32
C GLY A 182 -18.85 -1.76 -4.88
N ALA A 183 -17.58 -1.86 -4.48
CA ALA A 183 -17.18 -1.61 -3.08
C ALA A 183 -17.05 -0.10 -2.75
N ARG A 184 -17.78 0.36 -1.72
CA ARG A 184 -17.81 1.78 -1.38
C ARG A 184 -17.35 2.07 0.06
N ALA A 185 -16.88 1.04 0.75
CA ALA A 185 -16.39 1.24 2.11
C ALA A 185 -14.87 1.25 2.12
N GLY A 186 -14.23 1.55 0.98
CA GLY A 186 -12.78 1.69 0.96
C GLY A 186 -12.17 0.64 0.04
N VAL A 187 -11.16 1.08 -0.72
CA VAL A 187 -10.37 0.23 -1.61
C VAL A 187 -8.90 0.51 -1.33
N MET A 188 -8.21 -0.47 -0.78
CA MET A 188 -6.87 -0.26 -0.25
CA MET A 188 -6.87 -0.28 -0.20
C MET A 188 -5.87 -1.22 -0.85
N THR A 189 -4.64 -0.73 -1.01
CA THR A 189 -3.52 -1.50 -1.54
C THR A 189 -2.34 -1.28 -0.62
N PRO A 190 -2.11 -2.23 0.29
CA PRO A 190 -0.84 -2.10 1.04
C PRO A 190 0.28 -2.71 0.21
N VAL A 191 1.47 -2.14 0.23
CA VAL A 191 2.55 -2.83 -0.48
CA VAL A 191 2.58 -2.77 -0.50
C VAL A 191 3.67 -3.08 0.52
N SER A 192 4.09 -4.35 0.59
CA SER A 192 5.18 -4.75 1.50
C SER A 192 5.86 -5.95 0.85
N ALA A 193 6.10 -5.80 -0.45
CA ALA A 193 6.86 -6.79 -1.20
C ALA A 193 6.27 -8.17 -0.97
N GLN A 194 7.06 -9.13 -0.47
CA GLN A 194 6.58 -10.52 -0.47
C GLN A 194 5.53 -10.81 0.61
N SER A 195 5.27 -9.83 1.48
CA SER A 195 4.17 -9.99 2.44
C SER A 195 2.87 -9.29 2.05
N SER A 196 2.84 -8.66 0.87
CA SER A 196 1.69 -7.79 0.53
C SER A 196 0.34 -8.53 0.56
N GLY A 197 0.29 -9.80 0.10
CA GLY A 197 -1.00 -10.49 -0.03
C GLY A 197 -1.63 -10.82 1.33
N SER A 198 -0.80 -11.18 2.31
CA SER A 198 -1.21 -11.41 3.73
C SER A 198 -1.56 -10.08 4.37
N GLU A 199 -0.69 -9.08 4.14
CA GLU A 199 -0.94 -7.74 4.71
C GLU A 199 -2.30 -7.21 4.24
N ALA A 200 -2.69 -7.48 2.99
CA ALA A 200 -4.01 -7.03 2.53
C ALA A 200 -5.14 -7.66 3.36
N ILE A 201 -5.04 -8.96 3.62
CA ILE A 201 -6.07 -9.65 4.43
C ILE A 201 -6.07 -9.12 5.86
N ALA A 202 -4.87 -8.83 6.42
CA ALA A 202 -4.84 -8.21 7.73
C ALA A 202 -5.59 -6.88 7.76
N HIS A 203 -5.34 -6.04 6.77
CA HIS A 203 -5.98 -4.71 6.76
C HIS A 203 -7.48 -4.82 6.49
N ALA A 204 -7.89 -5.80 5.68
CA ALA A 204 -9.34 -6.05 5.53
C ALA A 204 -9.99 -6.44 6.87
N TRP A 205 -9.32 -7.30 7.64
CA TRP A 205 -9.79 -7.69 8.96
C TRP A 205 -9.87 -6.46 9.88
N ARG A 206 -8.85 -5.60 9.87
CA ARG A 206 -8.88 -4.39 10.70
C ARG A 206 -10.08 -3.51 10.32
N GLN A 207 -10.32 -3.32 9.02
CA GLN A 207 -11.40 -2.47 8.52
CA GLN A 207 -11.40 -2.44 8.64
C GLN A 207 -12.75 -3.00 9.01
N ILE A 208 -12.91 -4.32 9.00
CA ILE A 208 -14.16 -4.89 9.56
C ILE A 208 -14.26 -4.70 11.08
N VAL A 209 -13.22 -5.08 11.83
CA VAL A 209 -13.36 -5.10 13.28
C VAL A 209 -13.45 -3.68 13.85
N MET A 210 -12.97 -2.68 13.12
CA MET A 210 -13.08 -1.28 13.51
CA MET A 210 -13.10 -1.29 13.57
C MET A 210 -14.42 -0.68 13.09
N GLY A 211 -15.22 -1.45 12.39
CA GLY A 211 -16.64 -1.06 12.14
C GLY A 211 -16.79 -0.26 10.84
N ASP A 212 -15.75 -0.22 10.04
CA ASP A 212 -15.85 0.50 8.75
C ASP A 212 -16.44 -0.33 7.59
N ALA A 213 -16.54 -1.65 7.77
CA ALA A 213 -17.08 -2.49 6.73
C ALA A 213 -17.59 -3.74 7.39
N ASP A 214 -18.54 -4.40 6.72
CA ASP A 214 -19.01 -5.72 7.17
C ASP A 214 -18.56 -6.88 6.29
N VAL A 215 -18.09 -6.57 5.10
CA VAL A 215 -17.69 -7.59 4.10
C VAL A 215 -16.50 -7.01 3.32
N ALA A 216 -15.57 -7.87 2.95
CA ALA A 216 -14.39 -7.39 2.22
C ALA A 216 -13.88 -8.50 1.33
N VAL A 217 -13.52 -8.10 0.11
CA VAL A 217 -12.73 -8.95 -0.77
C VAL A 217 -11.27 -8.58 -0.56
N CYS A 218 -10.41 -9.57 -0.36
CA CYS A 218 -9.03 -9.26 -0.07
C CYS A 218 -8.07 -10.35 -0.53
N GLY A 219 -6.82 -9.96 -0.79
CA GLY A 219 -5.82 -10.97 -1.16
C GLY A 219 -4.71 -10.25 -1.93
N GLY A 220 -4.21 -10.89 -2.99
CA GLY A 220 -3.01 -10.34 -3.66
C GLY A 220 -2.97 -10.84 -5.08
N VAL A 221 -2.33 -10.06 -5.97
CA VAL A 221 -2.17 -10.42 -7.39
C VAL A 221 -0.70 -10.07 -7.72
N GLU A 222 -0.17 -10.65 -8.79
CA GLU A 222 1.24 -10.41 -9.13
C GLU A 222 1.41 -10.76 -10.61
N GLY A 223 2.42 -10.16 -11.24
CA GLY A 223 2.75 -10.46 -12.63
C GLY A 223 3.33 -11.84 -12.90
N PRO A 224 3.50 -12.15 -14.19
CA PRO A 224 4.02 -13.44 -14.61
C PRO A 224 5.55 -13.42 -14.58
N ILE A 225 6.13 -14.62 -14.71
CA ILE A 225 7.57 -14.73 -14.78
C ILE A 225 8.02 -14.14 -16.10
N GLU A 226 9.01 -13.25 -16.07
CA GLU A 226 9.52 -12.66 -17.30
CA GLU A 226 9.50 -12.56 -17.25
C GLU A 226 11.02 -12.46 -17.11
N ALA A 227 11.69 -12.07 -18.18
CA ALA A 227 13.17 -12.05 -18.19
C ALA A 227 13.78 -11.06 -17.20
N LEU A 228 13.24 -9.83 -17.19
CA LEU A 228 13.81 -8.78 -16.38
C LEU A 228 13.60 -9.03 -14.88
N PRO A 229 12.44 -9.51 -14.45
CA PRO A 229 12.36 -9.92 -13.01
C PRO A 229 13.30 -11.08 -12.65
N ILE A 230 13.43 -12.12 -13.49
CA ILE A 230 14.42 -13.16 -13.22
C ILE A 230 15.84 -12.57 -13.13
N ALA A 231 16.19 -11.71 -14.09
CA ALA A 231 17.55 -11.09 -14.06
C ALA A 231 17.78 -10.34 -12.73
N ALA A 232 16.80 -9.53 -12.35
CA ALA A 232 16.98 -8.68 -11.17
C ALA A 232 17.13 -9.53 -9.89
N PHE A 233 16.27 -10.53 -9.70
CA PHE A 233 16.39 -11.39 -8.54
C PHE A 233 17.62 -12.27 -8.62
N SER A 234 17.96 -12.74 -9.82
CA SER A 234 19.20 -13.54 -9.96
C SER A 234 20.48 -12.82 -9.54
N MET A 235 20.54 -11.50 -9.71
CA MET A 235 21.79 -10.79 -9.40
C MET A 235 21.85 -10.59 -7.88
N MET A 236 20.73 -10.85 -7.16
CA MET A 236 20.83 -10.96 -5.69
C MET A 236 21.36 -12.33 -5.21
N ARG A 237 21.44 -13.29 -6.14
CA ARG A 237 22.03 -14.62 -5.92
C ARG A 237 21.21 -15.41 -4.90
N ALA A 238 19.89 -15.28 -4.95
CA ALA A 238 19.13 -16.09 -4.00
C ALA A 238 18.13 -17.03 -4.66
N MET A 239 18.24 -17.22 -5.98
CA MET A 239 17.32 -18.12 -6.72
C MET A 239 17.97 -19.47 -6.90
N SER A 240 17.17 -20.53 -6.82
CA SER A 240 17.68 -21.86 -7.16
C SER A 240 18.01 -21.90 -8.66
N THR A 241 19.10 -22.60 -8.98
CA THR A 241 19.41 -22.88 -10.38
C THR A 241 19.49 -24.41 -10.61
N ARG A 242 18.62 -25.13 -9.91
CA ARG A 242 18.61 -26.59 -10.04
C ARG A 242 17.84 -26.97 -11.32
N ASN A 243 18.36 -26.54 -12.46
CA ASN A 243 17.59 -26.56 -13.72
C ASN A 243 17.29 -27.95 -14.30
N ASP A 244 18.10 -28.94 -13.96
CA ASP A 244 17.94 -30.31 -14.46
CA ASP A 244 17.87 -30.28 -14.52
C ASP A 244 16.81 -31.05 -13.73
N GLU A 245 16.41 -30.54 -12.58
CA GLU A 245 15.34 -31.21 -11.82
C GLU A 245 14.39 -30.15 -11.28
N PRO A 246 13.58 -29.55 -12.15
CA PRO A 246 12.83 -28.40 -11.64
C PRO A 246 11.97 -28.66 -10.41
N GLU A 247 11.29 -29.80 -10.39
CA GLU A 247 10.36 -30.12 -9.32
CA GLU A 247 10.36 -30.13 -9.32
C GLU A 247 11.07 -30.30 -7.96
N ARG A 248 12.37 -30.55 -7.99
CA ARG A 248 13.21 -30.80 -6.80
C ARG A 248 13.91 -29.52 -6.30
N ALA A 249 13.65 -28.40 -6.96
CA ALA A 249 14.49 -27.21 -6.76
C ALA A 249 14.14 -26.43 -5.49
N SER A 250 12.85 -26.33 -5.23
CA SER A 250 12.37 -25.51 -4.11
C SER A 250 12.33 -26.40 -2.85
N ARG A 251 13.22 -26.18 -1.87
CA ARG A 251 13.38 -27.14 -0.76
C ARG A 251 13.30 -26.43 0.61
N PRO A 252 12.15 -25.81 0.91
CA PRO A 252 12.07 -25.06 2.17
C PRO A 252 12.31 -25.97 3.39
N PHE A 253 13.12 -25.44 4.30
CA PHE A 253 13.58 -26.12 5.52
C PHE A 253 14.50 -27.33 5.33
N ASP A 254 14.73 -27.72 4.09
CA ASP A 254 15.66 -28.83 3.83
C ASP A 254 17.10 -28.41 3.99
N LYS A 255 17.96 -29.33 4.45
CA LYS A 255 19.36 -28.97 4.68
C LYS A 255 20.07 -28.54 3.39
N ASP A 256 19.63 -29.06 2.24
CA ASP A 256 20.26 -28.73 0.97
C ASP A 256 19.50 -27.71 0.16
N ARG A 257 18.66 -26.90 0.80
CA ARG A 257 17.98 -25.83 0.08
C ARG A 257 19.00 -24.87 -0.52
N ASP A 258 18.65 -24.26 -1.64
CA ASP A 258 19.59 -23.43 -2.35
CA ASP A 258 19.60 -23.36 -2.28
C ASP A 258 18.89 -22.27 -3.05
N GLY A 259 17.86 -21.70 -2.42
CA GLY A 259 17.26 -20.48 -2.95
C GLY A 259 15.84 -20.72 -3.45
N PHE A 260 15.13 -19.65 -3.83
CA PHE A 260 13.69 -19.78 -4.03
C PHE A 260 13.45 -20.01 -5.53
N VAL A 261 12.19 -20.37 -5.87
CA VAL A 261 11.76 -20.59 -7.24
CA VAL A 261 11.82 -20.47 -7.27
C VAL A 261 10.52 -19.71 -7.47
N PHE A 262 10.39 -19.09 -8.64
CA PHE A 262 9.15 -18.39 -8.95
C PHE A 262 8.06 -19.43 -9.26
N GLY A 263 6.86 -19.13 -8.81
CA GLY A 263 5.65 -19.85 -9.18
C GLY A 263 4.53 -18.84 -9.20
N GLU A 264 3.92 -18.65 -10.37
CA GLU A 264 2.89 -17.64 -10.56
C GLU A 264 1.64 -17.96 -9.74
N ALA A 265 0.95 -16.91 -9.29
CA ALA A 265 -0.35 -17.08 -8.62
C ALA A 265 -1.04 -15.74 -8.51
N GLY A 266 -2.34 -15.82 -8.20
CA GLY A 266 -3.09 -14.72 -7.56
C GLY A 266 -4.19 -15.37 -6.75
N ALA A 267 -4.69 -14.70 -5.72
CA ALA A 267 -5.64 -15.34 -4.80
C ALA A 267 -6.40 -14.26 -4.05
N LEU A 268 -7.71 -14.50 -3.95
CA LEU A 268 -8.62 -13.62 -3.20
C LEU A 268 -9.45 -14.47 -2.29
N MET A 269 -9.86 -13.87 -1.17
CA MET A 269 -10.91 -14.47 -0.37
C MET A 269 -11.96 -13.41 -0.01
N LEU A 270 -13.14 -13.91 0.31
CA LEU A 270 -14.21 -13.03 0.80
C LEU A 270 -14.31 -13.26 2.31
N ILE A 271 -14.27 -12.17 3.07
CA ILE A 271 -14.46 -12.30 4.51
C ILE A 271 -15.62 -11.41 4.87
N GLU A 272 -16.30 -11.74 5.98
CA GLU A 272 -17.43 -10.92 6.37
C GLU A 272 -17.74 -11.21 7.83
N THR A 273 -18.50 -10.34 8.52
CA THR A 273 -18.86 -10.69 9.88
C THR A 273 -19.68 -11.98 9.88
N GLU A 274 -19.60 -12.71 11.00
CA GLU A 274 -20.36 -13.94 11.12
C GLU A 274 -21.87 -13.68 11.01
N GLU A 275 -22.34 -12.57 11.57
CA GLU A 275 -23.76 -12.27 11.47
CA GLU A 275 -23.73 -12.11 11.49
C GLU A 275 -24.17 -11.88 10.04
N HIS A 276 -23.29 -11.22 9.29
CA HIS A 276 -23.58 -10.96 7.88
C HIS A 276 -23.68 -12.27 7.06
N ALA A 277 -22.72 -13.17 7.26
CA ALA A 277 -22.72 -14.47 6.61
C ALA A 277 -24.00 -15.25 6.90
N LYS A 278 -24.39 -15.26 8.18
CA LYS A 278 -25.55 -16.01 8.61
C LYS A 278 -26.82 -15.43 7.98
N ALA A 279 -26.93 -14.10 7.95
CA ALA A 279 -28.11 -13.47 7.37
C ALA A 279 -28.30 -13.85 5.89
N ARG A 280 -27.22 -14.08 5.15
CA ARG A 280 -27.37 -14.41 3.74
C ARG A 280 -27.23 -15.90 3.47
N GLY A 281 -27.11 -16.71 4.51
CA GLY A 281 -27.02 -18.16 4.30
C GLY A 281 -25.68 -18.66 3.77
N ALA A 282 -24.60 -17.91 3.96
CA ALA A 282 -23.31 -18.35 3.44
C ALA A 282 -22.69 -19.33 4.43
N LYS A 283 -22.07 -20.41 3.95
CA LYS A 283 -21.40 -21.34 4.86
C LYS A 283 -19.92 -21.02 5.02
N PRO A 284 -19.51 -20.66 6.24
CA PRO A 284 -18.10 -20.29 6.40
C PRO A 284 -17.17 -21.48 6.18
N LEU A 285 -15.98 -21.15 5.64
CA LEU A 285 -14.89 -22.10 5.45
CA LEU A 285 -14.89 -22.09 5.46
C LEU A 285 -13.98 -22.13 6.67
N ALA A 286 -13.87 -20.99 7.34
CA ALA A 286 -12.98 -20.82 8.52
C ALA A 286 -13.26 -19.46 9.13
N ARG A 287 -12.61 -19.20 10.27
CA ARG A 287 -12.67 -17.91 10.95
C ARG A 287 -11.32 -17.20 10.75
N LEU A 288 -11.37 -15.89 10.54
CA LEU A 288 -10.15 -15.09 10.57
C LEU A 288 -10.15 -14.30 11.89
N LEU A 289 -9.24 -14.66 12.78
CA LEU A 289 -9.39 -14.33 14.22
C LEU A 289 -8.56 -13.15 14.65
N GLY A 290 -7.48 -12.93 13.91
CA GLY A 290 -6.52 -11.90 14.35
C GLY A 290 -5.38 -11.72 13.38
N ALA A 291 -4.69 -10.57 13.45
CA ALA A 291 -3.62 -10.25 12.49
C ALA A 291 -2.54 -9.51 13.24
N GLY A 292 -1.28 -9.88 13.04
CA GLY A 292 -0.18 -9.09 13.64
C GLY A 292 0.75 -8.56 12.57
N ILE A 293 1.14 -7.29 12.66
CA ILE A 293 2.09 -6.73 11.70
C ILE A 293 3.22 -6.03 12.48
N THR A 294 4.46 -6.45 12.25
CA THR A 294 5.61 -5.78 12.87
C THR A 294 6.69 -5.54 11.78
N SER A 295 7.83 -4.99 12.19
CA SER A 295 8.96 -4.83 11.27
C SER A 295 10.28 -5.08 12.03
N ASP A 296 11.31 -5.45 11.28
CA ASP A 296 12.57 -5.86 11.88
C ASP A 296 13.49 -4.69 12.28
N ALA A 297 13.47 -3.62 11.46
CA ALA A 297 14.54 -2.59 11.46
C ALA A 297 15.91 -3.24 11.62
N PHE A 298 16.19 -4.14 10.68
CA PHE A 298 17.45 -4.92 10.76
C PHE A 298 18.24 -4.70 9.45
N HIS A 299 17.79 -5.23 8.31
CA HIS A 299 18.53 -5.16 7.03
CA HIS A 299 18.48 -4.89 7.07
C HIS A 299 17.44 -5.05 5.96
N MET A 300 17.71 -4.40 4.82
CA MET A 300 16.68 -4.21 3.80
C MET A 300 16.24 -5.53 3.15
N VAL A 301 17.19 -6.45 2.88
CA VAL A 301 16.80 -7.66 2.18
C VAL A 301 17.26 -8.94 2.88
N ALA A 302 17.62 -8.87 4.15
CA ALA A 302 17.76 -10.11 4.94
C ALA A 302 16.89 -10.02 6.22
N PRO A 303 16.23 -11.11 6.61
CA PRO A 303 15.39 -11.08 7.81
C PRO A 303 16.33 -11.09 9.02
N ALA A 304 15.85 -10.54 10.13
CA ALA A 304 16.66 -10.58 11.34
C ALA A 304 16.90 -12.06 11.68
N ALA A 305 18.15 -12.45 11.94
CA ALA A 305 18.43 -13.87 12.26
C ALA A 305 17.67 -14.35 13.52
N ASP A 306 17.47 -13.47 14.50
CA ASP A 306 16.91 -13.87 15.78
C ASP A 306 15.40 -14.21 15.72
N GLY A 307 14.72 -13.86 14.63
CA GLY A 307 13.30 -14.10 14.51
C GLY A 307 12.42 -13.34 15.49
N VAL A 308 12.94 -12.39 16.25
CA VAL A 308 12.20 -11.80 17.38
C VAL A 308 11.02 -10.95 16.93
N ARG A 309 11.25 -9.97 16.04
CA ARG A 309 10.10 -9.18 15.60
C ARG A 309 9.13 -10.03 14.78
N ALA A 310 9.67 -10.97 14.00
CA ALA A 310 8.78 -11.85 13.23
C ALA A 310 7.93 -12.69 14.19
N GLY A 311 8.55 -13.19 15.26
CA GLY A 311 7.81 -13.97 16.29
C GLY A 311 6.78 -13.08 16.95
N ARG A 312 7.09 -11.79 17.12
CA ARG A 312 6.10 -10.90 17.75
C ARG A 312 4.93 -10.61 16.85
N ALA A 313 5.09 -10.64 15.52
CA ALA A 313 3.90 -10.59 14.68
C ALA A 313 2.97 -11.80 14.93
N MET A 314 3.51 -13.00 14.99
CA MET A 314 2.73 -14.17 15.35
C MET A 314 2.06 -13.97 16.72
N THR A 315 2.83 -13.55 17.72
CA THR A 315 2.24 -13.38 19.07
C THR A 315 1.06 -12.37 19.07
N ARG A 316 1.26 -11.27 18.35
CA ARG A 316 0.25 -10.22 18.25
C ARG A 316 -1.02 -10.79 17.62
N SER A 317 -0.90 -11.63 16.58
CA SER A 317 -2.13 -12.25 16.00
C SER A 317 -2.86 -13.11 17.06
N LEU A 318 -2.10 -13.82 17.91
CA LEU A 318 -2.70 -14.59 19.03
C LEU A 318 -3.39 -13.71 20.07
N GLU A 319 -2.76 -12.59 20.41
CA GLU A 319 -3.34 -11.71 21.43
C GLU A 319 -4.67 -11.19 20.92
N LEU A 320 -4.70 -10.74 19.66
CA LEU A 320 -5.94 -10.20 19.06
C LEU A 320 -7.01 -11.29 18.89
N ALA A 321 -6.58 -12.51 18.57
CA ALA A 321 -7.52 -13.62 18.49
C ALA A 321 -8.05 -14.08 19.86
N GLY A 322 -7.28 -13.88 20.92
CA GLY A 322 -7.59 -14.45 22.23
C GLY A 322 -7.03 -15.86 22.41
N LEU A 323 -5.96 -16.19 21.70
CA LEU A 323 -5.37 -17.55 21.75
C LEU A 323 -4.05 -17.58 22.53
N SER A 324 -3.65 -18.78 22.96
CA SER A 324 -2.29 -18.95 23.44
C SER A 324 -1.49 -19.79 22.44
N PRO A 325 -0.14 -19.75 22.55
CA PRO A 325 0.67 -20.47 21.57
C PRO A 325 0.36 -21.95 21.51
N ALA A 326 0.07 -22.56 22.66
CA ALA A 326 -0.30 -23.96 22.67
C ALA A 326 -1.58 -24.30 21.89
N ASP A 327 -2.44 -23.31 21.62
CA ASP A 327 -3.65 -23.54 20.79
C ASP A 327 -3.34 -23.75 19.32
N ILE A 328 -2.16 -23.29 18.88
CA ILE A 328 -1.79 -23.33 17.46
C ILE A 328 -1.36 -24.73 17.01
N ASP A 329 -2.19 -25.35 16.18
CA ASP A 329 -1.91 -26.70 15.71
C ASP A 329 -1.04 -26.71 14.49
N HIS A 330 -1.04 -25.60 13.75
CA HIS A 330 -0.50 -25.61 12.39
C HIS A 330 0.09 -24.25 12.07
N VAL A 331 1.28 -24.23 11.46
CA VAL A 331 1.81 -22.97 10.90
C VAL A 331 2.02 -23.18 9.41
N ASN A 332 1.42 -22.31 8.60
CA ASN A 332 1.77 -22.30 7.17
C ASN A 332 2.93 -21.33 7.01
N ALA A 333 4.13 -21.88 6.80
CA ALA A 333 5.36 -21.08 6.80
C ALA A 333 5.51 -20.22 5.56
N HIS A 334 6.17 -19.07 5.72
CA HIS A 334 6.53 -18.31 4.51
C HIS A 334 7.54 -19.18 3.71
N GLY A 335 8.49 -19.81 4.41
CA GLY A 335 9.35 -20.92 3.88
C GLY A 335 9.76 -20.76 2.43
N THR A 336 10.69 -19.84 2.16
CA THR A 336 11.10 -19.51 0.78
C THR A 336 12.18 -20.43 0.19
N ALA A 337 12.77 -21.26 1.05
CA ALA A 337 13.92 -22.14 0.71
C ALA A 337 15.25 -21.35 0.53
N THR A 338 15.33 -20.10 0.97
CA THR A 338 16.66 -19.47 1.10
C THR A 338 17.30 -19.97 2.40
N PRO A 339 18.64 -20.08 2.41
CA PRO A 339 19.32 -20.48 3.66
C PRO A 339 18.99 -19.54 4.83
N ILE A 340 19.07 -18.21 4.65
CA ILE A 340 18.87 -17.39 5.86
C ILE A 340 17.38 -17.19 6.19
N GLY A 341 16.54 -17.22 5.18
CA GLY A 341 15.11 -16.96 5.38
C GLY A 341 14.49 -18.07 6.21
N ASP A 342 14.76 -19.33 5.87
CA ASP A 342 14.09 -20.40 6.60
C ASP A 342 14.64 -20.48 8.03
N ALA A 343 15.93 -20.21 8.18
CA ALA A 343 16.52 -20.23 9.52
C ALA A 343 15.93 -19.16 10.45
N ALA A 344 15.74 -17.95 9.90
CA ALA A 344 15.13 -16.88 10.70
C ALA A 344 13.69 -17.23 11.06
N GLU A 345 12.98 -17.86 10.11
CA GLU A 345 11.57 -18.10 10.36
C GLU A 345 11.48 -19.20 11.44
N ALA A 346 12.37 -20.20 11.39
CA ALA A 346 12.38 -21.24 12.42
C ALA A 346 12.60 -20.62 13.80
N ASN A 347 13.50 -19.64 13.89
CA ASN A 347 13.70 -18.96 15.15
C ASN A 347 12.43 -18.18 15.52
N ALA A 348 11.77 -17.54 14.54
CA ALA A 348 10.58 -16.75 14.87
C ALA A 348 9.48 -17.65 15.43
N ILE A 349 9.32 -18.84 14.83
CA ILE A 349 8.29 -19.77 15.30
C ILE A 349 8.62 -20.18 16.75
N ARG A 350 9.90 -20.41 17.08
CA ARG A 350 10.29 -20.68 18.47
C ARG A 350 9.96 -19.49 19.35
N VAL A 351 10.35 -18.29 18.93
CA VAL A 351 10.06 -17.09 19.77
C VAL A 351 8.57 -16.98 20.13
N ALA A 352 7.71 -17.34 19.15
CA ALA A 352 6.27 -17.29 19.38
C ALA A 352 5.73 -18.47 20.21
N GLY A 353 6.55 -19.48 20.47
CA GLY A 353 6.11 -20.67 21.23
C GLY A 353 5.25 -21.60 20.38
N CYS A 354 5.40 -21.51 19.06
CA CYS A 354 4.59 -22.30 18.11
C CYS A 354 5.40 -23.41 17.49
N ASP A 355 6.53 -23.77 18.09
CA ASP A 355 7.35 -24.74 17.37
C ASP A 355 6.97 -26.21 17.61
N GLN A 356 5.89 -26.50 18.35
CA GLN A 356 5.30 -27.85 18.30
CA GLN A 356 5.31 -27.86 18.28
C GLN A 356 4.09 -27.92 17.35
N ALA A 357 3.85 -26.84 16.58
CA ALA A 357 2.80 -26.88 15.53
C ALA A 357 3.31 -27.73 14.37
N ALA A 358 2.42 -28.37 13.62
CA ALA A 358 2.77 -29.00 12.35
C ALA A 358 2.97 -27.92 11.27
N VAL A 359 4.10 -27.97 10.54
CA VAL A 359 4.49 -26.87 9.63
C VAL A 359 4.36 -27.33 8.18
N TYR A 360 3.77 -26.50 7.32
CA TYR A 360 3.76 -26.77 5.89
C TYR A 360 4.46 -25.58 5.23
N ALA A 361 5.29 -25.84 4.23
CA ALA A 361 5.86 -24.78 3.40
C ALA A 361 5.42 -24.94 1.95
N PRO A 362 4.29 -24.32 1.59
CA PRO A 362 3.72 -24.55 0.25
C PRO A 362 4.60 -24.09 -0.93
N LYS A 363 5.53 -23.15 -0.70
CA LYS A 363 6.43 -22.77 -1.79
C LYS A 363 7.24 -23.96 -2.32
N SER A 364 7.26 -25.05 -1.54
CA SER A 364 7.94 -26.29 -2.00
C SER A 364 7.28 -26.78 -3.30
N ALA A 365 5.98 -26.52 -3.43
CA ALA A 365 5.26 -27.05 -4.58
C ALA A 365 4.81 -25.92 -5.53
N LEU A 366 4.52 -24.74 -4.99
CA LEU A 366 3.84 -23.69 -5.78
C LEU A 366 4.80 -22.55 -6.13
N GLY A 367 5.98 -22.61 -5.51
CA GLY A 367 6.92 -21.52 -5.63
C GLY A 367 6.41 -20.20 -5.10
N HIS A 368 7.12 -19.15 -5.49
CA HIS A 368 6.96 -17.82 -4.86
C HIS A 368 6.31 -16.84 -5.84
N SER A 369 5.21 -16.21 -5.44
CA SER A 369 4.47 -15.28 -6.31
C SER A 369 4.48 -13.87 -5.72
N ILE A 370 5.49 -13.56 -4.90
CA ILE A 370 5.71 -12.18 -4.44
CA ILE A 370 5.73 -12.17 -4.39
C ILE A 370 4.44 -11.58 -3.80
N GLY A 371 3.84 -10.56 -4.43
CA GLY A 371 2.69 -9.90 -3.80
C GLY A 371 1.46 -10.78 -3.62
N ALA A 372 1.33 -11.82 -4.43
CA ALA A 372 0.15 -12.72 -4.32
C ALA A 372 0.35 -13.77 -3.24
N VAL A 373 1.60 -14.06 -2.90
CA VAL A 373 1.84 -15.36 -2.30
C VAL A 373 1.29 -15.45 -0.88
N GLY A 374 1.28 -14.37 -0.08
CA GLY A 374 0.73 -14.50 1.28
C GLY A 374 -0.79 -14.70 1.24
N ALA A 375 -1.44 -14.19 0.19
CA ALA A 375 -2.89 -14.39 0.00
C ALA A 375 -3.17 -15.86 -0.36
N LEU A 376 -2.41 -16.35 -1.33
CA LEU A 376 -2.49 -17.76 -1.75
C LEU A 376 -2.33 -18.69 -0.51
N GLU A 377 -1.35 -18.41 0.33
CA GLU A 377 -1.02 -19.29 1.46
C GLU A 377 -2.05 -19.12 2.56
N SER A 378 -2.65 -17.93 2.68
CA SER A 378 -3.77 -17.76 3.62
C SER A 378 -4.98 -18.62 3.17
N VAL A 379 -5.23 -18.69 1.85
CA VAL A 379 -6.29 -19.55 1.29
C VAL A 379 -5.99 -21.02 1.59
N LEU A 380 -4.72 -21.42 1.45
CA LEU A 380 -4.36 -22.81 1.83
C LEU A 380 -4.51 -23.10 3.32
N THR A 381 -4.19 -22.14 4.16
CA THR A 381 -4.41 -22.27 5.61
C THR A 381 -5.90 -22.49 5.90
N VAL A 382 -6.76 -21.70 5.25
CA VAL A 382 -8.23 -21.92 5.35
C VAL A 382 -8.60 -23.35 5.00
N LEU A 383 -8.04 -23.87 3.89
CA LEU A 383 -8.46 -25.22 3.44
C LEU A 383 -7.94 -26.31 4.39
N THR A 384 -6.76 -26.09 4.99
CA THR A 384 -6.26 -27.01 6.01
C THR A 384 -7.21 -27.10 7.18
N LEU A 385 -7.71 -25.95 7.64
CA LEU A 385 -8.70 -25.96 8.74
C LEU A 385 -10.00 -26.63 8.29
N ARG A 386 -10.51 -26.22 7.15
CA ARG A 386 -11.79 -26.76 6.63
C ARG A 386 -11.71 -28.28 6.54
N ASP A 387 -10.60 -28.79 6.04
CA ASP A 387 -10.51 -30.21 5.63
C ASP A 387 -9.72 -31.06 6.60
N GLY A 388 -9.16 -30.43 7.65
CA GLY A 388 -8.41 -31.16 8.69
C GLY A 388 -7.24 -31.93 8.06
N VAL A 389 -6.52 -31.27 7.16
CA VAL A 389 -5.39 -31.95 6.51
C VAL A 389 -4.32 -30.94 6.07
N ILE A 390 -3.04 -31.34 6.13
CA ILE A 390 -1.90 -30.52 5.68
C ILE A 390 -1.20 -31.33 4.59
N PRO A 391 -0.97 -30.72 3.42
CA PRO A 391 -0.23 -31.45 2.37
C PRO A 391 1.24 -31.67 2.77
N PRO A 392 1.92 -32.61 2.10
CA PRO A 392 3.36 -32.76 2.37
C PRO A 392 4.18 -31.56 1.84
N THR A 393 5.19 -31.14 2.58
CA THR A 393 6.19 -30.17 2.10
C THR A 393 7.08 -30.93 1.12
N LEU A 394 7.10 -30.56 -0.18
CA LEU A 394 7.91 -31.32 -1.14
C LEU A 394 9.40 -31.11 -0.88
N ASN A 395 10.19 -32.10 -1.29
CA ASN A 395 11.64 -32.00 -1.31
C ASN A 395 12.28 -31.97 0.06
N TYR A 396 11.49 -32.28 1.09
CA TYR A 396 12.03 -32.24 2.46
C TYR A 396 12.66 -33.61 2.74
N GLU A 397 13.97 -33.70 2.57
CA GLU A 397 14.64 -34.99 2.49
C GLU A 397 15.71 -35.12 3.56
N THR A 398 16.25 -33.98 3.99
CA THR A 398 17.33 -33.98 5.00
C THR A 398 17.03 -32.96 6.09
N PRO A 399 16.53 -33.39 7.23
CA PRO A 399 16.24 -32.40 8.26
C PRO A 399 17.49 -31.60 8.61
N ASP A 400 17.33 -30.31 8.89
CA ASP A 400 18.41 -29.38 9.20
C ASP A 400 18.32 -29.12 10.72
N PRO A 401 19.37 -29.45 11.48
CA PRO A 401 19.41 -29.20 12.93
C PRO A 401 19.17 -27.74 13.37
N GLU A 402 19.54 -26.76 12.58
CA GLU A 402 19.21 -25.35 12.81
CA GLU A 402 19.20 -25.40 12.98
C GLU A 402 17.71 -25.06 12.74
N ILE A 403 17.04 -25.90 11.95
N ILE A 403 16.96 -25.92 12.05
CA ILE A 403 15.61 -25.86 11.75
CA ILE A 403 15.55 -25.61 11.83
C ILE A 403 15.08 -27.06 12.54
C ILE A 403 14.72 -26.17 13.00
N ASP A 404 14.81 -26.88 13.82
N ASP A 404 14.83 -27.48 13.23
CA ASP A 404 14.10 -27.93 14.54
CA ASP A 404 14.19 -28.18 14.35
C ASP A 404 12.61 -27.61 14.46
C ASP A 404 12.67 -27.94 14.48
N LEU A 405 11.96 -28.03 13.37
CA LEU A 405 10.50 -27.82 13.27
C LEU A 405 9.86 -29.14 12.88
N ASP A 406 8.55 -29.27 13.11
CA ASP A 406 7.82 -30.46 12.70
C ASP A 406 7.28 -30.18 11.30
N VAL A 407 8.11 -30.45 10.30
CA VAL A 407 7.71 -30.17 8.93
C VAL A 407 6.90 -31.35 8.39
N VAL A 408 5.68 -31.11 7.92
CA VAL A 408 4.88 -32.22 7.41
C VAL A 408 5.52 -32.60 6.08
N ALA A 409 5.76 -33.89 5.84
CA ALA A 409 6.50 -34.34 4.65
C ALA A 409 6.13 -35.79 4.30
N GLY A 410 6.36 -36.18 3.06
CA GLY A 410 6.07 -37.56 2.62
C GLY A 410 4.64 -37.83 2.20
N GLU A 411 3.70 -37.55 3.07
CA GLU A 411 2.30 -37.75 2.74
C GLU A 411 1.47 -36.74 3.55
N PRO A 412 0.20 -36.49 3.16
CA PRO A 412 -0.60 -35.55 3.96
C PRO A 412 -0.70 -35.96 5.43
N ARG A 413 -0.84 -34.99 6.34
CA ARG A 413 -1.00 -35.29 7.74
C ARG A 413 -2.40 -34.83 8.09
N TYR A 414 -3.22 -35.75 8.62
CA TYR A 414 -4.61 -35.44 8.95
C TYR A 414 -4.74 -35.14 10.42
N GLY A 415 -5.64 -34.24 10.76
CA GLY A 415 -5.79 -34.01 12.18
C GLY A 415 -6.91 -33.03 12.37
N ASP A 416 -7.37 -32.94 13.61
CA ASP A 416 -8.44 -31.98 13.90
CA ASP A 416 -8.44 -31.97 13.92
C ASP A 416 -7.85 -30.62 14.28
N TYR A 417 -7.28 -29.94 13.28
CA TYR A 417 -6.63 -28.66 13.48
C TYR A 417 -7.69 -27.61 13.83
N ARG A 418 -7.49 -26.99 14.98
CA ARG A 418 -8.40 -26.01 15.57
CA ARG A 418 -8.47 -26.02 15.46
C ARG A 418 -8.02 -24.61 15.15
N TYR A 419 -6.72 -24.33 15.18
CA TYR A 419 -6.17 -22.96 15.02
C TYR A 419 -4.86 -23.02 14.26
N ALA A 420 -4.64 -22.05 13.38
CA ALA A 420 -3.45 -22.07 12.52
C ALA A 420 -2.91 -20.65 12.37
N VAL A 421 -1.60 -20.48 12.16
CA VAL A 421 -1.08 -19.15 11.81
C VAL A 421 -0.44 -19.22 10.43
N ASN A 422 -0.78 -18.27 9.58
CA ASN A 422 -0.08 -18.12 8.28
C ASN A 422 0.93 -17.01 8.40
N ASN A 423 2.19 -17.28 8.06
CA ASN A 423 3.29 -16.31 8.11
C ASN A 423 3.62 -15.80 6.73
N SER A 424 3.97 -14.53 6.65
CA SER A 424 4.53 -13.94 5.44
CA SER A 424 4.48 -13.91 5.43
C SER A 424 5.49 -12.82 5.82
N PHE A 425 6.58 -12.68 5.06
CA PHE A 425 7.59 -11.66 5.35
C PHE A 425 7.99 -11.00 4.04
N GLY A 426 8.56 -9.79 4.14
CA GLY A 426 8.88 -9.07 2.92
C GLY A 426 10.13 -8.22 3.04
N PHE A 427 10.86 -8.08 1.92
CA PHE A 427 11.98 -7.18 1.84
C PHE A 427 11.56 -5.83 2.40
N GLY A 428 12.41 -5.20 3.21
CA GLY A 428 12.01 -4.03 3.99
C GLY A 428 11.99 -4.44 5.44
N GLY A 429 11.93 -5.74 5.71
CA GLY A 429 11.77 -6.18 7.12
C GLY A 429 10.30 -6.26 7.59
N HIS A 430 9.34 -6.49 6.68
CA HIS A 430 7.93 -6.57 7.08
C HIS A 430 7.55 -7.98 7.56
N ASN A 431 6.85 -8.09 8.68
CA ASN A 431 6.39 -9.37 9.21
C ASN A 431 4.86 -9.29 9.33
N VAL A 432 4.15 -10.28 8.77
CA VAL A 432 2.67 -10.33 8.86
C VAL A 432 2.24 -11.74 9.25
N ALA A 433 1.46 -11.89 10.32
CA ALA A 433 1.00 -13.19 10.74
C ALA A 433 -0.53 -13.11 10.82
N LEU A 434 -1.18 -14.11 10.22
CA LEU A 434 -2.65 -14.15 10.34
C LEU A 434 -3.10 -15.40 11.13
N ALA A 435 -4.02 -15.25 12.07
CA ALA A 435 -4.47 -16.35 12.94
C ALA A 435 -5.88 -16.74 12.46
N PHE A 436 -6.00 -17.98 11.96
CA PHE A 436 -7.28 -18.52 11.50
C PHE A 436 -7.75 -19.61 12.47
N GLY A 437 -9.07 -19.84 12.52
CA GLY A 437 -9.64 -20.92 13.35
C GLY A 437 -10.57 -21.77 12.51
N ARG A 438 -10.74 -23.04 12.89
CA ARG A 438 -11.71 -23.90 12.22
C ARG A 438 -13.09 -23.33 12.50
N TYR A 439 -14.01 -23.43 11.54
CA TYR A 439 -15.39 -23.03 11.81
C TYR A 439 -16.19 -24.20 12.37
N SER B 25 -22.85 2.82 22.50
CA SER B 25 -22.07 3.88 21.80
C SER B 25 -20.59 3.48 21.62
N GLN B 26 -20.21 3.46 20.34
CA GLN B 26 -18.86 3.23 19.86
C GLN B 26 -17.79 4.18 20.43
N PRO B 27 -16.56 3.69 20.50
CA PRO B 27 -15.45 4.53 20.95
C PRO B 27 -15.31 5.77 20.06
N SER B 28 -14.94 6.89 20.68
CA SER B 28 -14.46 8.02 19.90
C SER B 28 -13.32 8.68 20.67
N THR B 29 -12.59 9.56 19.99
CA THR B 29 -11.57 10.32 20.70
C THR B 29 -12.18 11.17 21.83
N ALA B 30 -13.29 11.84 21.54
CA ALA B 30 -13.91 12.76 22.53
C ALA B 30 -14.40 12.01 23.75
N ASN B 31 -14.84 10.76 23.57
CA ASN B 31 -15.42 10.04 24.72
C ASN B 31 -14.39 9.13 25.38
N GLY B 32 -13.15 9.23 24.92
CA GLY B 32 -12.06 8.49 25.55
C GLY B 32 -11.99 7.04 25.13
N GLY B 33 -12.79 6.61 24.14
CA GLY B 33 -12.75 5.19 23.75
C GLY B 33 -11.49 4.90 22.92
N PHE B 34 -10.91 5.94 22.33
CA PHE B 34 -9.57 5.91 21.70
C PHE B 34 -8.60 6.75 22.52
N PRO B 35 -7.32 6.35 22.57
CA PRO B 35 -6.40 7.29 23.23
C PRO B 35 -6.24 8.59 22.43
N SER B 36 -5.87 9.65 23.13
CA SER B 36 -5.51 10.91 22.47
C SER B 36 -4.18 10.74 21.73
N VAL B 37 -4.18 11.18 20.49
CA VAL B 37 -3.01 11.16 19.61
C VAL B 37 -2.67 12.61 19.19
N VAL B 38 -1.39 12.96 19.32
CA VAL B 38 -0.97 14.31 19.02
C VAL B 38 0.12 14.28 17.94
N VAL B 39 0.21 15.41 17.22
CA VAL B 39 1.25 15.68 16.24
C VAL B 39 2.34 16.45 16.98
N THR B 40 3.58 15.96 16.95
CA THR B 40 4.63 16.57 17.75
C THR B 40 5.81 17.10 16.92
N ALA B 41 5.84 16.84 15.61
CA ALA B 41 6.87 17.41 14.75
C ALA B 41 6.38 17.28 13.31
N VAL B 42 6.78 18.20 12.44
CA VAL B 42 6.44 18.13 11.00
C VAL B 42 7.68 18.49 10.18
N THR B 43 7.80 17.94 8.97
N THR B 43 7.79 17.92 8.98
CA THR B 43 8.88 18.34 8.06
CA THR B 43 8.82 18.39 8.05
C THR B 43 8.35 18.25 6.63
C THR B 43 8.25 18.30 6.64
N ALA B 44 8.71 19.18 5.78
CA ALA B 44 8.30 19.06 4.37
C ALA B 44 9.31 19.78 3.49
N THR B 45 9.44 19.33 2.25
CA THR B 45 10.18 20.08 1.27
C THR B 45 9.23 20.45 0.17
N THR B 46 9.27 21.71 -0.30
CA THR B 46 8.25 22.10 -1.30
C THR B 46 8.83 22.99 -2.40
N SER B 47 7.97 23.37 -3.35
CA SER B 47 8.39 24.27 -4.39
C SER B 47 8.67 25.70 -3.86
N ILE B 48 8.22 26.02 -2.65
CA ILE B 48 8.51 27.32 -2.07
C ILE B 48 9.77 27.33 -1.21
N SER B 49 10.03 26.23 -0.50
CA SER B 49 11.15 26.19 0.44
C SER B 49 11.43 24.76 0.90
N PRO B 50 12.69 24.44 1.30
CA PRO B 50 12.97 23.16 1.94
C PRO B 50 12.56 23.16 3.40
N ASP B 51 12.20 24.33 3.93
CA ASP B 51 11.95 24.50 5.36
CA ASP B 51 11.94 24.47 5.37
C ASP B 51 10.45 24.74 5.52
N ILE B 52 9.72 23.84 6.18
CA ILE B 52 8.24 23.98 6.31
C ILE B 52 7.78 25.30 6.95
N GLU B 53 8.50 25.81 7.95
CA GLU B 53 8.17 27.11 8.52
C GLU B 53 8.35 28.25 7.51
N SER B 54 9.37 28.19 6.66
CA SER B 54 9.46 29.16 5.55
C SER B 54 8.38 28.98 4.48
N THR B 55 8.09 27.73 4.13
CA THR B 55 6.96 27.50 3.20
C THR B 55 5.73 28.22 3.77
N TRP B 56 5.46 27.98 5.05
CA TRP B 56 4.23 28.48 5.69
C TRP B 56 4.18 30.02 5.67
N LYS B 57 5.27 30.67 6.10
CA LYS B 57 5.40 32.11 5.91
C LYS B 57 5.18 32.59 4.48
N GLY B 58 5.81 31.89 3.52
CA GLY B 58 5.62 32.17 2.08
C GLY B 58 4.17 32.06 1.65
N LEU B 59 3.47 30.99 2.07
CA LEU B 59 2.04 30.85 1.77
C LEU B 59 1.22 32.00 2.31
N LEU B 60 1.46 32.33 3.57
CA LEU B 60 0.75 33.45 4.19
C LEU B 60 0.95 34.78 3.44
N ALA B 61 2.11 34.94 2.81
CA ALA B 61 2.47 36.18 2.13
C ALA B 61 1.96 36.13 0.70
N GLY B 62 1.28 35.06 0.32
CA GLY B 62 0.70 34.98 -1.02
C GLY B 62 1.69 34.48 -2.06
N GLU B 63 2.75 33.80 -1.63
CA GLU B 63 3.75 33.31 -2.61
C GLU B 63 3.28 32.05 -3.33
N SER B 64 3.67 31.88 -4.58
CA SER B 64 3.41 30.64 -5.33
C SER B 64 4.73 29.90 -5.58
N GLY B 65 4.72 28.57 -5.61
CA GLY B 65 5.92 27.84 -6.04
C GLY B 65 5.91 27.44 -7.52
N ILE B 66 4.96 27.97 -8.31
CA ILE B 66 4.72 27.43 -9.66
C ILE B 66 5.32 28.39 -10.66
N HIS B 67 6.21 27.91 -11.53
CA HIS B 67 6.95 28.76 -12.46
C HIS B 67 7.05 28.13 -13.84
N ALA B 68 7.60 28.87 -14.82
CA ALA B 68 7.95 28.26 -16.11
C ALA B 68 8.92 27.14 -15.84
N LEU B 69 8.72 25.97 -16.44
CA LEU B 69 9.74 24.89 -16.42
C LEU B 69 10.89 25.22 -17.35
N GLU B 70 12.12 25.19 -16.85
CA GLU B 70 13.28 25.54 -17.69
CA GLU B 70 13.28 25.54 -17.67
C GLU B 70 14.02 24.28 -18.13
N ASP B 71 13.52 23.12 -17.72
CA ASP B 71 14.20 21.86 -18.04
C ASP B 71 14.34 21.72 -19.55
N GLU B 72 15.47 21.20 -19.98
CA GLU B 72 15.66 20.97 -21.41
CA GLU B 72 15.70 20.94 -21.40
C GLU B 72 14.65 19.96 -21.96
N PHE B 73 14.17 19.04 -21.12
CA PHE B 73 13.20 18.06 -21.63
C PHE B 73 11.92 18.71 -22.15
N VAL B 74 11.56 19.91 -21.65
CA VAL B 74 10.39 20.63 -22.14
C VAL B 74 10.51 21.01 -23.62
N THR B 75 11.66 21.53 -24.00
CA THR B 75 11.82 21.94 -25.38
C THR B 75 12.13 20.70 -26.23
N LYS B 76 12.83 19.72 -25.68
CA LYS B 76 13.14 18.50 -26.42
C LYS B 76 11.87 17.84 -26.96
N TRP B 77 10.86 17.73 -26.10
CA TRP B 77 9.63 17.01 -26.44
C TRP B 77 8.52 17.95 -26.88
N ASP B 78 8.79 19.27 -26.86
CA ASP B 78 7.77 20.32 -27.07
C ASP B 78 6.51 20.05 -26.22
N LEU B 79 6.69 19.83 -24.92
CA LEU B 79 5.57 19.44 -24.06
C LEU B 79 4.46 20.51 -24.05
N ALA B 80 3.21 20.07 -24.08
CA ALA B 80 2.07 21.01 -24.03
C ALA B 80 2.03 21.77 -22.71
N VAL B 81 2.52 21.15 -21.64
CA VAL B 81 2.56 21.74 -20.30
C VAL B 81 3.98 22.23 -20.04
N LYS B 82 4.13 23.53 -19.76
CA LYS B 82 5.46 24.10 -19.66
C LYS B 82 5.59 24.82 -18.33
N ILE B 83 4.81 24.39 -17.34
CA ILE B 83 4.81 25.03 -16.03
C ILE B 83 4.77 23.98 -14.92
N GLY B 84 5.20 24.39 -13.74
CA GLY B 84 5.19 23.50 -12.58
C GLY B 84 6.14 24.02 -11.52
N GLY B 85 6.12 23.38 -10.35
CA GLY B 85 6.99 23.79 -9.26
C GLY B 85 7.97 22.69 -8.92
N HIS B 86 9.24 22.82 -9.34
CA HIS B 86 10.30 21.92 -8.81
C HIS B 86 10.55 22.33 -7.37
N LEU B 87 11.06 21.43 -6.54
CA LEU B 87 11.53 21.78 -5.17
C LEU B 87 12.47 22.99 -5.23
N LYS B 88 12.25 23.92 -4.30
CA LYS B 88 13.16 25.07 -4.14
C LYS B 88 14.60 24.56 -3.95
N ASP B 89 14.73 23.53 -3.10
CA ASP B 89 16.01 22.91 -2.75
C ASP B 89 15.99 21.43 -3.15
N PRO B 90 16.73 21.05 -4.22
CA PRO B 90 16.59 19.67 -4.71
C PRO B 90 17.13 18.66 -3.70
N VAL B 91 16.43 17.54 -3.56
CA VAL B 91 16.84 16.49 -2.62
C VAL B 91 18.30 16.11 -2.85
N ASP B 92 18.66 15.92 -4.12
CA ASP B 92 19.99 15.35 -4.38
C ASP B 92 21.16 16.28 -4.01
N SER B 93 20.94 17.56 -3.73
CA SER B 93 22.03 18.42 -3.25
CA SER B 93 22.02 18.42 -3.24
C SER B 93 22.47 18.00 -1.85
N HIS B 94 21.71 17.10 -1.23
CA HIS B 94 21.96 16.68 0.15
C HIS B 94 22.43 15.22 0.21
N MET B 95 22.62 14.60 -0.95
CA MET B 95 22.81 13.14 -0.97
C MET B 95 24.26 12.79 -1.33
N GLY B 96 24.83 11.83 -0.60
CA GLY B 96 26.19 11.34 -0.92
C GLY B 96 26.08 10.50 -2.18
N ARG B 97 27.22 10.20 -2.80
CA ARG B 97 27.18 9.62 -4.14
CA ARG B 97 27.23 9.60 -4.15
C ARG B 97 26.80 8.14 -4.08
N LEU B 98 27.10 7.48 -2.97
CA LEU B 98 26.63 6.12 -2.74
C LEU B 98 25.10 6.05 -2.78
N ASP B 99 24.40 6.89 -2.01
CA ASP B 99 22.94 6.92 -2.10
C ASP B 99 22.39 7.26 -3.49
N MET B 100 23.12 8.10 -4.23
CA MET B 100 22.66 8.41 -5.57
C MET B 100 22.60 7.17 -6.47
N ARG B 101 23.49 6.20 -6.22
CA ARG B 101 23.53 5.00 -7.03
C ARG B 101 22.70 3.84 -6.47
N ARG B 102 22.51 3.85 -5.17
CA ARG B 102 21.96 2.68 -4.46
C ARG B 102 20.61 2.88 -3.79
N MET B 103 20.01 4.05 -3.97
CA MET B 103 18.63 4.30 -3.54
C MET B 103 17.87 4.88 -4.72
N SER B 104 16.57 4.58 -4.77
CA SER B 104 15.73 5.36 -5.70
C SER B 104 15.48 6.79 -5.21
N TYR B 105 14.93 7.64 -6.09
CA TYR B 105 14.72 9.05 -5.69
C TYR B 105 13.80 9.18 -4.48
N VAL B 106 12.71 8.39 -4.47
CA VAL B 106 11.78 8.51 -3.35
C VAL B 106 12.43 7.99 -2.06
N GLN B 107 13.32 7.00 -2.18
CA GLN B 107 14.12 6.59 -1.00
C GLN B 107 15.05 7.67 -0.49
N ARG B 108 15.71 8.39 -1.41
CA ARG B 108 16.58 9.49 -0.99
C ARG B 108 15.73 10.59 -0.34
N MET B 109 14.58 10.88 -0.93
CA MET B 109 13.72 11.87 -0.27
C MET B 109 13.33 11.38 1.11
N GLY B 110 12.95 10.10 1.24
CA GLY B 110 12.52 9.61 2.55
C GLY B 110 13.63 9.65 3.59
N LYS B 111 14.84 9.27 3.19
CA LYS B 111 16.01 9.42 4.10
C LYS B 111 16.20 10.89 4.53
N LEU B 112 16.14 11.80 3.55
CA LEU B 112 16.36 13.22 3.88
C LEU B 112 15.28 13.72 4.87
N LEU B 113 14.02 13.50 4.54
CA LEU B 113 12.91 14.01 5.38
C LEU B 113 12.88 13.27 6.74
N GLY B 114 13.19 11.99 6.76
CA GLY B 114 13.09 11.22 8.01
C GLY B 114 14.13 11.72 9.00
N GLY B 115 15.32 12.02 8.49
CA GLY B 115 16.40 12.56 9.35
C GLY B 115 16.02 13.93 9.87
N GLN B 116 15.47 14.76 8.97
CA GLN B 116 15.09 16.11 9.39
C GLN B 116 13.99 16.09 10.44
N LEU B 117 12.99 15.23 10.22
CA LEU B 117 11.88 15.14 11.16
C LEU B 117 12.39 14.70 12.53
N TRP B 118 13.20 13.64 12.58
CA TRP B 118 13.75 13.16 13.85
C TRP B 118 14.56 14.24 14.60
N GLU B 119 15.39 15.01 13.89
CA GLU B 119 16.08 16.13 14.51
CA GLU B 119 16.10 16.12 14.51
C GLU B 119 15.09 17.15 15.03
N SER B 120 14.07 17.47 14.25
CA SER B 120 13.05 18.43 14.72
C SER B 120 12.35 17.97 15.98
N ALA B 121 12.22 16.66 16.17
CA ALA B 121 11.53 16.09 17.31
C ALA B 121 12.45 16.02 18.53
N GLY B 122 13.70 16.48 18.40
CA GLY B 122 14.67 16.41 19.52
C GLY B 122 15.39 15.05 19.55
N SER B 123 15.42 14.37 18.40
CA SER B 123 16.04 13.04 18.28
C SER B 123 15.69 12.12 19.46
N PRO B 124 14.39 11.85 19.66
CA PRO B 124 14.05 11.12 20.89
C PRO B 124 14.51 9.66 20.86
N GLU B 125 14.78 9.08 22.02
CA GLU B 125 15.03 7.65 22.11
C GLU B 125 13.70 6.99 22.47
N VAL B 126 13.05 6.34 21.50
CA VAL B 126 11.76 5.73 21.76
C VAL B 126 11.93 4.20 21.79
N ASP B 127 10.95 3.50 22.33
CA ASP B 127 10.96 2.04 22.30
C ASP B 127 10.71 1.65 20.84
N PRO B 128 11.69 1.00 20.20
CA PRO B 128 11.54 0.67 18.80
C PRO B 128 10.33 -0.25 18.60
N ASP B 129 10.01 -1.06 19.61
CA ASP B 129 8.94 -2.06 19.45
C ASP B 129 7.54 -1.43 19.54
N ARG B 130 7.50 -0.12 19.81
CA ARG B 130 6.24 0.65 19.87
C ARG B 130 6.23 1.76 18.84
N PHE B 131 7.15 1.69 17.87
CA PHE B 131 7.40 2.76 16.90
C PHE B 131 7.16 2.23 15.47
N ALA B 132 6.16 2.78 14.81
CA ALA B 132 5.76 2.41 13.47
C ALA B 132 6.07 3.47 12.43
N VAL B 133 6.14 3.05 11.17
CA VAL B 133 6.27 4.03 10.08
C VAL B 133 5.19 3.75 9.08
N VAL B 134 4.51 4.80 8.57
CA VAL B 134 3.51 4.60 7.50
C VAL B 134 3.74 5.72 6.49
N VAL B 135 4.26 5.36 5.32
CA VAL B 135 4.57 6.39 4.34
C VAL B 135 4.04 5.93 3.00
N GLY B 136 3.21 6.77 2.42
CA GLY B 136 2.61 6.48 1.11
C GLY B 136 3.45 7.04 -0.03
N THR B 137 3.16 6.58 -1.25
CA THR B 137 3.79 7.13 -2.45
C THR B 137 2.95 6.66 -3.64
N GLY B 138 2.93 7.41 -4.74
CA GLY B 138 2.06 7.04 -5.88
C GLY B 138 2.65 5.89 -6.69
N LEU B 139 3.96 5.76 -6.78
CA LEU B 139 4.49 4.69 -7.64
C LEU B 139 5.71 3.96 -7.11
N GLY B 140 6.73 4.67 -6.64
CA GLY B 140 7.88 3.97 -6.03
C GLY B 140 9.11 4.29 -6.85
N GLY B 141 10.07 3.38 -6.92
CA GLY B 141 11.37 3.70 -7.53
C GLY B 141 11.36 3.44 -9.02
N ALA B 142 10.40 4.01 -9.76
CA ALA B 142 10.14 3.57 -11.13
C ALA B 142 11.28 3.96 -12.08
N GLU B 143 12.09 4.96 -11.75
CA GLU B 143 13.20 5.30 -12.65
C GLU B 143 14.22 4.14 -12.68
N ARG B 144 14.30 3.36 -11.59
CA ARG B 144 15.20 2.17 -11.61
C ARG B 144 14.65 1.03 -12.43
N ILE B 145 13.34 1.04 -12.70
CA ILE B 145 12.75 0.04 -13.60
C ILE B 145 13.23 0.36 -15.01
N VAL B 146 13.09 1.60 -15.43
CA VAL B 146 13.48 1.90 -16.82
C VAL B 146 14.99 1.80 -16.99
N GLU B 147 15.72 2.17 -15.96
CA GLU B 147 17.18 2.00 -16.01
CA GLU B 147 17.18 2.01 -15.99
C GLU B 147 17.58 0.54 -16.12
N SER B 148 16.93 -0.34 -15.35
CA SER B 148 17.31 -1.78 -15.38
C SER B 148 16.97 -2.40 -16.72
N TYR B 149 15.81 -1.97 -17.23
CA TYR B 149 15.34 -2.36 -18.56
C TYR B 149 16.36 -1.97 -19.64
N ASP B 150 16.82 -0.70 -19.63
CA ASP B 150 17.81 -0.25 -20.60
C ASP B 150 19.13 -1.01 -20.44
N LEU B 151 19.54 -1.24 -19.20
CA LEU B 151 20.83 -1.92 -18.98
C LEU B 151 20.81 -3.35 -19.52
N MET B 152 19.70 -4.04 -19.27
CA MET B 152 19.54 -5.42 -19.76
C MET B 152 19.43 -5.47 -21.28
N ASN B 153 18.65 -4.54 -21.86
CA ASN B 153 18.60 -4.50 -23.34
C ASN B 153 19.95 -4.27 -24.02
N ALA B 154 20.79 -3.44 -23.38
CA ALA B 154 22.09 -3.12 -23.91
C ALA B 154 23.12 -4.23 -23.65
N GLY B 155 23.10 -4.84 -22.46
CA GLY B 155 24.23 -5.69 -22.04
C GLY B 155 23.89 -7.05 -21.44
N GLY B 156 22.60 -7.40 -21.37
CA GLY B 156 22.21 -8.73 -20.92
C GLY B 156 21.82 -8.71 -19.45
N PRO B 157 21.31 -9.84 -18.96
CA PRO B 157 20.76 -9.91 -17.60
C PRO B 157 21.78 -9.67 -16.50
N ARG B 158 23.07 -9.92 -16.72
CA ARG B 158 24.04 -9.70 -15.65
C ARG B 158 24.47 -8.26 -15.50
N LYS B 159 23.89 -7.38 -16.31
CA LYS B 159 24.10 -5.94 -16.11
C LYS B 159 23.05 -5.23 -15.23
N VAL B 160 22.08 -5.97 -14.71
CA VAL B 160 21.09 -5.41 -13.78
C VAL B 160 21.75 -5.29 -12.41
N SER B 161 21.51 -4.18 -11.71
CA SER B 161 22.07 -4.03 -10.36
C SER B 161 21.54 -5.10 -9.41
N PRO B 162 22.41 -5.63 -8.52
CA PRO B 162 21.99 -6.49 -7.41
C PRO B 162 21.13 -5.72 -6.39
N LEU B 163 21.10 -4.39 -6.50
CA LEU B 163 20.24 -3.57 -5.64
C LEU B 163 18.97 -3.12 -6.32
N ALA B 164 18.73 -3.52 -7.57
CA ALA B 164 17.57 -3.02 -8.29
C ALA B 164 16.27 -3.33 -7.57
N VAL B 165 16.06 -4.57 -7.12
CA VAL B 165 14.74 -4.90 -6.53
C VAL B 165 14.42 -3.99 -5.34
N GLN B 166 15.42 -3.81 -4.47
CA GLN B 166 15.16 -3.09 -3.20
C GLN B 166 15.04 -1.56 -3.43
N MET B 167 15.49 -1.10 -4.60
CA MET B 167 15.29 0.33 -4.98
C MET B 167 13.92 0.49 -5.61
N ILE B 168 13.53 -0.51 -6.40
CA ILE B 168 12.27 -0.42 -7.19
C ILE B 168 11.02 -0.59 -6.31
N MET B 169 11.06 -1.52 -5.37
CA MET B 169 9.82 -1.89 -4.66
C MET B 169 9.14 -0.63 -4.07
N PRO B 170 7.79 -0.52 -4.16
CA PRO B 170 7.16 0.73 -3.79
C PRO B 170 7.15 0.94 -2.29
N ASN B 171 7.34 -0.15 -1.54
CA ASN B 171 7.56 -0.01 -0.08
C ASN B 171 8.95 0.49 0.28
N GLY B 172 9.81 0.73 -0.72
CA GLY B 172 11.23 1.08 -0.45
C GLY B 172 11.47 2.33 0.38
N ALA B 173 10.72 3.40 0.13
CA ALA B 173 10.92 4.62 0.89
C ALA B 173 10.56 4.44 2.37
N ALA B 174 9.38 3.89 2.63
CA ALA B 174 8.95 3.61 4.03
C ALA B 174 9.98 2.69 4.70
N ALA B 175 10.49 1.70 3.94
CA ALA B 175 11.45 0.78 4.55
C ALA B 175 12.78 1.47 4.87
N VAL B 176 13.22 2.40 4.02
CA VAL B 176 14.46 3.16 4.30
C VAL B 176 14.27 3.97 5.57
N ILE B 177 13.09 4.58 5.72
CA ILE B 177 12.83 5.39 6.91
C ILE B 177 12.73 4.48 8.15
N GLY B 178 12.05 3.33 8.01
CA GLY B 178 11.99 2.38 9.16
C GLY B 178 13.38 1.97 9.61
N LEU B 179 14.26 1.66 8.66
CA LEU B 179 15.61 1.22 9.05
C LEU B 179 16.43 2.36 9.60
N GLN B 180 16.30 3.53 8.97
CA GLN B 180 17.04 4.71 9.44
C GLN B 180 16.69 5.05 10.88
N LEU B 181 15.40 5.00 11.22
CA LEU B 181 14.96 5.50 12.53
C LEU B 181 14.76 4.39 13.55
N GLY B 182 14.74 3.14 13.07
CA GLY B 182 14.67 1.97 13.99
C GLY B 182 13.23 1.53 14.36
N ALA B 183 12.27 1.68 13.44
CA ALA B 183 10.85 1.34 13.71
C ALA B 183 10.58 -0.18 13.61
N ARG B 184 10.13 -0.76 14.73
CA ARG B 184 9.92 -2.21 14.81
C ARG B 184 8.46 -2.60 15.02
N ALA B 185 7.55 -1.60 14.98
CA ALA B 185 6.12 -1.90 15.20
C ALA B 185 5.39 -1.85 13.88
N GLY B 186 6.09 -2.05 12.76
CA GLY B 186 5.38 -2.06 11.49
C GLY B 186 5.85 -0.92 10.60
N VAL B 187 6.04 -1.26 9.32
CA VAL B 187 6.39 -0.28 8.30
C VAL B 187 5.40 -0.54 7.18
N MET B 188 4.57 0.45 6.91
CA MET B 188 3.51 0.26 5.97
CA MET B 188 3.46 0.27 5.98
C MET B 188 3.55 1.31 4.88
N THR B 189 3.12 0.89 3.69
CA THR B 189 3.02 1.74 2.49
C THR B 189 1.64 1.56 1.87
N PRO B 190 0.71 2.48 2.15
CA PRO B 190 -0.57 2.45 1.45
C PRO B 190 -0.43 3.21 0.13
N VAL B 191 -0.87 2.57 -0.95
CA VAL B 191 -0.88 3.19 -2.28
C VAL B 191 -2.32 3.50 -2.69
N SER B 192 -2.65 4.78 -2.82
CA SER B 192 -4.00 5.19 -3.28
C SER B 192 -3.84 6.46 -4.14
N ALA B 193 -2.80 6.46 -4.99
CA ALA B 193 -2.57 7.54 -5.98
C ALA B 193 -2.60 8.84 -5.21
N GLN B 194 -3.45 9.81 -5.59
CA GLN B 194 -3.33 11.18 -5.08
C GLN B 194 -3.76 11.29 -3.62
N SER B 195 -4.35 10.22 -3.07
CA SER B 195 -4.65 10.27 -1.63
C SER B 195 -3.68 9.51 -0.71
N SER B 196 -2.58 9.00 -1.26
CA SER B 196 -1.71 8.09 -0.50
C SER B 196 -1.13 8.77 0.76
N GLY B 197 -0.82 10.07 0.67
CA GLY B 197 -0.07 10.72 1.80
C GLY B 197 -0.99 10.93 2.99
N SER B 198 -2.26 11.19 2.70
CA SER B 198 -3.23 11.26 3.80
C SER B 198 -3.61 9.86 4.29
N GLU B 199 -3.77 8.93 3.34
CA GLU B 199 -4.09 7.56 3.74
C GLU B 199 -3.05 7.00 4.73
N ALA B 200 -1.79 7.37 4.54
CA ALA B 200 -0.70 6.93 5.39
C ALA B 200 -0.92 7.42 6.80
N ILE B 201 -1.29 8.70 6.91
CA ILE B 201 -1.53 9.28 8.24
C ILE B 201 -2.74 8.63 8.92
N ALA B 202 -3.79 8.36 8.14
CA ALA B 202 -4.96 7.64 8.66
C ALA B 202 -4.52 6.30 9.23
N HIS B 203 -3.74 5.55 8.45
CA HIS B 203 -3.35 4.20 8.95
C HIS B 203 -2.42 4.25 10.16
N ALA B 204 -1.57 5.28 10.22
CA ALA B 204 -0.74 5.43 11.39
C ALA B 204 -1.58 5.79 12.64
N TRP B 205 -2.58 6.65 12.48
CA TRP B 205 -3.53 6.91 13.56
C TRP B 205 -4.25 5.61 13.97
N ARG B 206 -4.76 4.85 13.00
CA ARG B 206 -5.45 3.61 13.38
CA ARG B 206 -5.43 3.59 13.32
C ARG B 206 -4.52 2.69 14.17
N GLN B 207 -3.28 2.55 13.74
CA GLN B 207 -2.32 1.65 14.38
CA GLN B 207 -2.37 1.64 14.41
C GLN B 207 -2.07 2.02 15.84
N ILE B 208 -2.03 3.33 16.10
CA ILE B 208 -1.85 3.73 17.48
C ILE B 208 -3.12 3.48 18.30
N VAL B 209 -4.28 3.85 17.75
CA VAL B 209 -5.46 3.64 18.58
C VAL B 209 -5.81 2.14 18.80
N MET B 210 -5.40 1.25 17.89
CA MET B 210 -5.60 -0.18 18.08
CA MET B 210 -5.62 -0.17 18.11
C MET B 210 -4.52 -0.80 18.97
N GLY B 211 -3.58 0.02 19.42
CA GLY B 211 -2.61 -0.42 20.43
C GLY B 211 -1.36 -1.11 19.85
N ASP B 212 -1.18 -1.04 18.54
CA ASP B 212 0.01 -1.63 17.90
C ASP B 212 1.24 -0.74 17.86
N ALA B 213 1.08 0.54 18.24
CA ALA B 213 2.23 1.44 18.34
C ALA B 213 1.84 2.58 19.27
N ASP B 214 2.84 3.28 19.80
CA ASP B 214 2.56 4.47 20.61
C ASP B 214 3.09 5.70 19.87
N VAL B 215 3.93 5.50 18.86
CA VAL B 215 4.52 6.63 18.12
C VAL B 215 4.70 6.21 16.66
N ALA B 216 4.48 7.14 15.73
CA ALA B 216 4.58 6.76 14.32
C ALA B 216 5.10 7.95 13.51
N VAL B 217 5.98 7.68 12.54
CA VAL B 217 6.38 8.64 11.56
C VAL B 217 5.50 8.36 10.33
N CYS B 218 4.84 9.39 9.78
CA CYS B 218 3.93 9.09 8.67
C CYS B 218 3.81 10.24 7.69
N GLY B 219 3.41 9.92 6.47
CA GLY B 219 3.28 11.00 5.46
C GLY B 219 3.46 10.41 4.07
N GLY B 220 4.04 11.18 3.17
CA GLY B 220 4.06 10.70 1.75
C GLY B 220 5.32 11.29 1.13
N VAL B 221 5.82 10.60 0.11
CA VAL B 221 6.90 11.12 -0.74
C VAL B 221 6.57 10.83 -2.18
N GLU B 222 7.19 11.55 -3.11
CA GLU B 222 6.83 11.39 -4.51
C GLU B 222 8.03 11.81 -5.36
N GLY B 223 8.07 11.35 -6.60
CA GLY B 223 9.17 11.75 -7.47
C GLY B 223 9.01 13.20 -7.98
N PRO B 224 10.01 13.62 -8.75
CA PRO B 224 10.08 14.96 -9.33
C PRO B 224 9.33 15.06 -10.63
N ILE B 225 9.09 16.29 -11.08
CA ILE B 225 8.52 16.46 -12.42
C ILE B 225 9.53 16.02 -13.50
N GLU B 226 9.09 15.19 -14.44
CA GLU B 226 9.95 14.76 -15.53
CA GLU B 226 9.92 14.63 -15.48
C GLU B 226 9.09 14.58 -16.76
N ALA B 227 9.74 14.36 -17.91
CA ALA B 227 9.02 14.37 -19.18
C ALA B 227 7.93 13.28 -19.30
N LEU B 228 8.25 12.05 -18.96
CA LEU B 228 7.27 10.98 -19.16
C LEU B 228 6.03 11.12 -18.27
N PRO B 229 6.23 11.47 -16.99
CA PRO B 229 5.02 11.73 -16.20
C PRO B 229 4.19 12.87 -16.75
N ILE B 230 4.83 13.94 -17.20
CA ILE B 230 4.07 15.00 -17.85
C ILE B 230 3.28 14.49 -19.04
N ALA B 231 3.94 13.72 -19.91
CA ALA B 231 3.30 13.21 -21.11
C ALA B 231 2.08 12.38 -20.70
N ALA B 232 2.26 11.49 -19.73
CA ALA B 232 1.19 10.55 -19.33
C ALA B 232 -0.01 11.28 -18.73
N PHE B 233 0.25 12.23 -17.83
CA PHE B 233 -0.86 12.97 -17.26
C PHE B 233 -1.45 13.95 -18.28
N SER B 234 -0.61 14.57 -19.10
CA SER B 234 -1.10 15.60 -20.02
C SER B 234 -2.05 14.95 -21.06
N MET B 235 -1.83 13.67 -21.36
CA MET B 235 -2.65 12.96 -22.37
C MET B 235 -4.04 12.67 -21.83
N MET B 236 -4.21 12.81 -20.53
CA MET B 236 -5.53 12.67 -19.91
C MET B 236 -6.38 13.94 -20.00
N ARG B 237 -5.75 15.03 -20.42
CA ARG B 237 -6.40 16.30 -20.77
CA ARG B 237 -6.46 16.25 -20.78
C ARG B 237 -6.95 17.03 -19.54
N ALA B 238 -6.35 16.81 -18.39
CA ALA B 238 -6.84 17.50 -17.19
C ALA B 238 -5.82 18.50 -16.57
N MET B 239 -4.71 18.72 -17.25
CA MET B 239 -3.72 19.67 -16.75
C MET B 239 -3.96 21.09 -17.31
N SER B 240 -3.57 22.09 -16.50
CA SER B 240 -3.62 23.47 -16.93
C SER B 240 -2.53 23.68 -17.99
N THR B 241 -2.86 24.47 -19.01
CA THR B 241 -1.82 24.84 -19.99
C THR B 241 -1.69 26.35 -20.08
N ARG B 242 -1.91 27.06 -18.97
CA ARG B 242 -1.79 28.50 -18.94
C ARG B 242 -0.30 28.86 -18.84
N ASN B 243 0.47 28.53 -19.87
CA ASN B 243 1.92 28.57 -19.82
C ASN B 243 2.52 29.97 -19.68
N ASP B 244 1.80 30.98 -20.13
CA ASP B 244 2.32 32.36 -20.10
CA ASP B 244 2.29 32.36 -20.11
C ASP B 244 2.19 33.02 -18.72
N GLU B 245 1.42 32.42 -17.82
CA GLU B 245 1.21 33.03 -16.52
C GLU B 245 1.24 31.91 -15.49
N PRO B 246 2.45 31.32 -15.27
CA PRO B 246 2.54 30.09 -14.46
C PRO B 246 1.91 30.23 -13.06
N GLU B 247 2.15 31.34 -12.39
CA GLU B 247 1.64 31.49 -11.02
C GLU B 247 0.14 31.69 -10.99
N ARG B 248 -0.48 32.02 -12.12
CA ARG B 248 -1.93 32.21 -12.18
C ARG B 248 -2.67 30.93 -12.64
N ALA B 249 -1.93 29.86 -12.91
CA ALA B 249 -2.51 28.72 -13.64
C ALA B 249 -3.44 27.86 -12.77
N SER B 250 -3.06 27.67 -11.50
CA SER B 250 -3.75 26.73 -10.63
C SER B 250 -4.82 27.51 -9.84
N ARG B 251 -6.09 27.30 -10.19
CA ARG B 251 -7.18 28.15 -9.69
C ARG B 251 -8.32 27.32 -9.07
N PRO B 252 -8.05 26.58 -7.98
CA PRO B 252 -9.07 25.73 -7.35
C PRO B 252 -10.30 26.55 -6.86
N PHE B 253 -11.46 26.07 -7.29
CA PHE B 253 -12.78 26.63 -7.03
C PHE B 253 -13.09 27.89 -7.82
N ASP B 254 -12.11 28.38 -8.58
CA ASP B 254 -12.32 29.57 -9.42
C ASP B 254 -13.18 29.21 -10.62
N LYS B 255 -14.07 30.12 -11.01
CA LYS B 255 -14.92 29.90 -12.17
C LYS B 255 -14.11 29.68 -13.44
N ASP B 256 -12.91 30.25 -13.54
CA ASP B 256 -12.09 30.07 -14.75
C ASP B 256 -10.98 29.02 -14.64
N ARG B 257 -11.10 28.08 -13.69
CA ARG B 257 -10.04 27.08 -13.54
C ARG B 257 -10.01 26.21 -14.80
N ASP B 258 -8.84 25.67 -15.13
CA ASP B 258 -8.66 24.91 -16.35
C ASP B 258 -7.72 23.75 -16.13
N GLY B 259 -7.69 23.23 -14.89
CA GLY B 259 -7.00 21.97 -14.61
C GLY B 259 -5.90 22.12 -13.58
N PHE B 260 -5.18 21.04 -13.28
CA PHE B 260 -4.21 21.09 -12.20
C PHE B 260 -2.77 21.42 -12.68
N VAL B 261 -1.88 21.67 -11.73
CA VAL B 261 -0.46 21.94 -12.02
CA VAL B 261 -0.46 21.93 -12.03
C VAL B 261 0.38 21.09 -11.08
N PHE B 262 1.50 20.53 -11.54
CA PHE B 262 2.39 19.72 -10.67
C PHE B 262 3.17 20.69 -9.78
N GLY B 263 3.34 20.36 -8.50
CA GLY B 263 4.28 21.09 -7.67
C GLY B 263 4.88 20.03 -6.77
N GLU B 264 6.19 19.84 -6.88
CA GLU B 264 6.91 18.82 -6.11
C GLU B 264 6.82 18.99 -4.61
N ALA B 265 6.77 17.88 -3.88
CA ALA B 265 6.79 17.94 -2.42
C ALA B 265 7.11 16.57 -1.83
N GLY B 266 7.48 16.57 -0.54
CA GLY B 266 7.44 15.39 0.31
C GLY B 266 7.14 15.93 1.70
N ALA B 267 6.51 15.14 2.57
CA ALA B 267 6.13 15.66 3.88
C ALA B 267 5.99 14.52 4.86
N LEU B 268 6.44 14.71 6.12
CA LEU B 268 6.26 13.63 7.09
C LEU B 268 5.85 14.33 8.40
N MET B 269 5.13 13.62 9.24
CA MET B 269 4.89 14.16 10.60
C MET B 269 5.16 13.06 11.60
N LEU B 270 5.38 13.46 12.85
CA LEU B 270 5.54 12.54 13.95
C LEU B 270 4.29 12.64 14.80
N ILE B 271 3.61 11.50 14.98
CA ILE B 271 2.44 11.45 15.86
C ILE B 271 2.70 10.47 16.99
N GLU B 272 2.06 10.69 18.15
CA GLU B 272 2.26 9.77 19.25
C GLU B 272 1.09 9.96 20.22
N THR B 273 0.89 9.02 21.14
CA THR B 273 -0.15 9.25 22.11
C THR B 273 0.19 10.48 22.96
N GLU B 274 -0.83 11.19 23.42
CA GLU B 274 -0.55 12.36 24.30
C GLU B 274 0.28 11.97 25.52
N GLU B 275 0.05 10.78 26.08
CA GLU B 275 0.82 10.30 27.26
C GLU B 275 2.30 10.17 26.90
N HIS B 276 2.57 9.58 25.74
CA HIS B 276 3.95 9.40 25.29
C HIS B 276 4.64 10.75 25.08
N ALA B 277 3.93 11.70 24.48
CA ALA B 277 4.51 13.04 24.28
C ALA B 277 4.80 13.74 25.60
N LYS B 278 3.85 13.72 26.51
CA LYS B 278 4.05 14.34 27.82
CA LYS B 278 4.03 14.32 27.82
C LYS B 278 5.23 13.71 28.56
N ALA B 279 5.40 12.38 28.45
CA ALA B 279 6.46 11.71 29.21
C ALA B 279 7.83 12.18 28.74
N ARG B 280 7.95 12.55 27.47
CA ARG B 280 9.26 12.98 26.97
C ARG B 280 9.33 14.49 26.82
N GLY B 281 8.28 15.19 27.22
CA GLY B 281 8.26 16.65 27.23
C GLY B 281 8.11 17.27 25.86
N ALA B 282 7.46 16.58 24.93
CA ALA B 282 7.34 17.11 23.58
C ALA B 282 6.11 18.05 23.57
N LYS B 283 6.18 19.22 22.94
CA LYS B 283 5.01 20.10 22.93
C LYS B 283 4.13 19.84 21.71
N PRO B 284 2.84 19.49 21.90
CA PRO B 284 2.18 19.12 20.65
C PRO B 284 1.86 20.33 19.77
N LEU B 285 1.83 20.13 18.46
N LEU B 285 1.84 20.13 18.46
CA LEU B 285 1.40 21.15 17.50
CA LEU B 285 1.41 21.14 17.50
C LEU B 285 -0.11 21.11 17.22
C LEU B 285 -0.11 21.12 17.24
N ALA B 286 -0.72 19.94 17.39
CA ALA B 286 -2.15 19.78 17.13
C ALA B 286 -2.53 18.36 17.57
N ARG B 287 -3.82 18.02 17.44
CA ARG B 287 -4.33 16.69 17.77
C ARG B 287 -4.78 16.04 16.46
N LEU B 288 -4.52 14.75 16.33
CA LEU B 288 -5.09 14.00 15.21
C LEU B 288 -6.20 13.14 15.77
N LEU B 289 -7.43 13.53 15.43
CA LEU B 289 -8.62 13.06 16.17
C LEU B 289 -9.32 11.85 15.55
N GLY B 290 -9.24 11.72 14.23
CA GLY B 290 -10.04 10.69 13.55
C GLY B 290 -9.70 10.69 12.07
N ALA B 291 -10.08 9.60 11.43
CA ALA B 291 -9.75 9.39 9.99
C ALA B 291 -10.88 8.62 9.36
N GLY B 292 -11.26 8.94 8.12
CA GLY B 292 -12.26 8.13 7.44
C GLY B 292 -11.76 7.79 6.04
N ILE B 293 -11.96 6.54 5.66
CA ILE B 293 -11.57 6.10 4.31
C ILE B 293 -12.78 5.42 3.63
N THR B 294 -13.18 5.88 2.43
CA THR B 294 -14.24 5.23 1.70
C THR B 294 -13.82 5.15 0.24
N SER B 295 -14.71 4.68 -0.63
CA SER B 295 -14.40 4.57 -2.08
C SER B 295 -15.67 4.86 -2.87
N ASP B 296 -15.54 5.33 -4.10
CA ASP B 296 -16.72 5.78 -4.87
C ASP B 296 -17.45 4.63 -5.55
N ALA B 297 -16.71 3.59 -5.94
CA ALA B 297 -17.16 2.64 -6.98
C ALA B 297 -17.97 3.35 -8.08
N PHE B 298 -17.32 4.32 -8.72
CA PHE B 298 -17.95 5.08 -9.81
C PHE B 298 -17.10 4.98 -11.07
N HIS B 299 -15.97 5.68 -11.15
CA HIS B 299 -15.12 5.69 -12.33
CA HIS B 299 -15.14 5.71 -12.34
C HIS B 299 -13.67 5.66 -11.87
N MET B 300 -12.79 5.11 -12.69
CA MET B 300 -11.38 4.99 -12.32
C MET B 300 -10.72 6.37 -12.18
N VAL B 301 -11.00 7.29 -13.11
CA VAL B 301 -10.26 8.57 -13.11
C VAL B 301 -11.18 9.81 -13.12
N ALA B 302 -12.44 9.63 -12.72
CA ALA B 302 -13.27 10.80 -12.44
C ALA B 302 -13.93 10.57 -11.09
N PRO B 303 -14.06 11.63 -10.27
CA PRO B 303 -14.76 11.43 -9.00
C PRO B 303 -16.29 11.35 -9.20
N ALA B 304 -17.01 10.71 -8.28
CA ALA B 304 -18.47 10.68 -8.31
C ALA B 304 -19.03 12.11 -8.20
N ALA B 305 -19.84 12.52 -9.16
CA ALA B 305 -20.33 13.92 -9.16
C ALA B 305 -21.10 14.25 -7.88
N ASP B 306 -21.74 13.25 -7.27
CA ASP B 306 -22.62 13.56 -6.13
C ASP B 306 -21.87 13.84 -4.82
N GLY B 307 -20.57 13.50 -4.78
CA GLY B 307 -19.78 13.72 -3.58
C GLY B 307 -20.23 12.85 -2.40
N VAL B 308 -21.07 11.83 -2.59
CA VAL B 308 -21.67 11.18 -1.44
C VAL B 308 -20.64 10.31 -0.64
N ARG B 309 -19.92 9.45 -1.34
CA ARG B 309 -18.93 8.64 -0.60
C ARG B 309 -17.77 9.50 -0.08
N ALA B 310 -17.34 10.51 -0.84
CA ALA B 310 -16.26 11.44 -0.39
C ALA B 310 -16.77 12.16 0.86
N GLY B 311 -18.05 12.52 0.87
CA GLY B 311 -18.63 13.20 2.06
C GLY B 311 -18.70 12.23 3.23
N ARG B 312 -18.96 10.97 2.93
CA ARG B 312 -19.00 10.01 4.02
C ARG B 312 -17.62 9.78 4.66
N ALA B 313 -16.52 9.88 3.87
CA ALA B 313 -15.20 9.77 4.51
C ALA B 313 -15.01 10.91 5.54
N MET B 314 -15.46 12.11 5.16
CA MET B 314 -15.44 13.25 6.08
C MET B 314 -16.29 12.94 7.33
N THR B 315 -17.53 12.45 7.12
CA THR B 315 -18.41 12.14 8.26
C THR B 315 -17.81 11.05 9.17
N ARG B 316 -17.21 10.03 8.55
CA ARG B 316 -16.53 8.97 9.33
C ARG B 316 -15.41 9.53 10.22
N SER B 317 -14.63 10.47 9.69
CA SER B 317 -13.55 11.05 10.50
C SER B 317 -14.17 11.77 11.70
N LEU B 318 -15.34 12.41 11.51
CA LEU B 318 -15.98 13.08 12.63
C LEU B 318 -16.57 12.09 13.64
N GLU B 319 -17.15 10.99 13.17
CA GLU B 319 -17.73 9.99 14.09
C GLU B 319 -16.61 9.46 15.00
N LEU B 320 -15.46 9.20 14.41
CA LEU B 320 -14.33 8.63 15.17
C LEU B 320 -13.72 9.68 16.10
N ALA B 321 -13.68 10.94 15.64
CA ALA B 321 -13.22 12.03 16.50
C ALA B 321 -14.20 12.31 17.63
N GLY B 322 -15.48 12.00 17.45
CA GLY B 322 -16.53 12.43 18.41
C GLY B 322 -17.02 13.83 18.14
N LEU B 323 -16.93 14.27 16.88
CA LEU B 323 -17.34 15.63 16.53
C LEU B 323 -18.64 15.61 15.74
N SER B 324 -19.33 16.75 15.68
CA SER B 324 -20.34 16.89 14.66
C SER B 324 -19.92 17.92 13.59
N PRO B 325 -20.57 17.90 12.42
CA PRO B 325 -20.13 18.83 11.35
C PRO B 325 -20.25 20.29 11.76
N ALA B 326 -21.17 20.59 12.70
CA ALA B 326 -21.34 21.94 13.19
C ALA B 326 -20.10 22.41 13.97
N ASP B 327 -19.27 21.47 14.43
CA ASP B 327 -17.99 21.78 15.10
C ASP B 327 -16.86 22.25 14.15
N ILE B 328 -16.95 21.95 12.86
CA ILE B 328 -15.81 22.11 11.95
C ILE B 328 -15.61 23.57 11.51
N ASP B 329 -14.43 24.15 11.80
CA ASP B 329 -14.15 25.55 11.47
C ASP B 329 -13.53 25.72 10.09
N HIS B 330 -12.90 24.65 9.61
CA HIS B 330 -11.95 24.74 8.49
C HIS B 330 -11.91 23.43 7.73
N VAL B 331 -11.94 23.52 6.39
CA VAL B 331 -11.65 22.37 5.54
C VAL B 331 -10.46 22.73 4.67
N ASN B 332 -9.45 21.87 4.70
CA ASN B 332 -8.35 21.94 3.73
C ASN B 332 -8.68 21.04 2.55
N ALA B 333 -9.16 21.65 1.48
CA ALA B 333 -9.72 20.94 0.35
C ALA B 333 -8.65 20.21 -0.47
N HIS B 334 -9.01 19.07 -1.03
CA HIS B 334 -8.13 18.50 -2.04
C HIS B 334 -7.97 19.47 -3.24
N GLY B 335 -9.07 20.07 -3.70
CA GLY B 335 -9.00 21.23 -4.58
C GLY B 335 -7.92 21.24 -5.65
N THR B 336 -8.10 20.41 -6.69
CA THR B 336 -7.05 20.23 -7.67
C THR B 336 -7.18 21.29 -8.78
N ALA B 337 -8.34 21.96 -8.86
CA ALA B 337 -8.64 22.97 -9.90
C ALA B 337 -9.05 22.34 -11.23
N THR B 338 -9.47 21.07 -11.22
CA THR B 338 -10.17 20.58 -12.41
C THR B 338 -11.61 21.06 -12.29
N PRO B 339 -12.27 21.34 -13.43
CA PRO B 339 -13.71 21.61 -13.40
C PRO B 339 -14.52 20.52 -12.64
N ILE B 340 -14.46 19.27 -13.07
CA ILE B 340 -15.31 18.28 -12.39
C ILE B 340 -14.85 17.94 -10.96
N GLY B 341 -13.54 17.97 -10.68
CA GLY B 341 -12.98 17.59 -9.36
C GLY B 341 -13.49 18.57 -8.29
N ASP B 342 -13.34 19.87 -8.53
CA ASP B 342 -13.73 20.86 -7.50
C ASP B 342 -15.25 20.85 -7.25
N ALA B 343 -16.03 20.69 -8.35
CA ALA B 343 -17.50 20.59 -8.25
C ALA B 343 -17.95 19.38 -7.36
N ALA B 344 -17.35 18.22 -7.62
CA ALA B 344 -17.61 17.03 -6.80
C ALA B 344 -17.22 17.27 -5.33
N GLU B 345 -16.06 17.87 -5.09
CA GLU B 345 -15.65 18.09 -3.70
C GLU B 345 -16.61 19.08 -3.00
N ALA B 346 -17.05 20.11 -3.70
CA ALA B 346 -18.01 21.05 -3.07
C ALA B 346 -19.26 20.25 -2.69
N ASN B 347 -19.71 19.36 -3.57
CA ASN B 347 -20.87 18.54 -3.22
C ASN B 347 -20.56 17.67 -1.99
N ALA B 348 -19.37 17.06 -1.96
CA ALA B 348 -18.96 16.23 -0.80
C ALA B 348 -19.01 17.01 0.51
N ILE B 349 -18.46 18.22 0.46
CA ILE B 349 -18.43 19.06 1.65
C ILE B 349 -19.86 19.39 2.10
N ARG B 350 -20.76 19.66 1.15
CA ARG B 350 -22.20 19.77 1.51
C ARG B 350 -22.80 18.49 2.10
N VAL B 351 -22.49 17.36 1.48
CA VAL B 351 -23.06 16.11 1.96
C VAL B 351 -22.65 15.93 3.43
N ALA B 352 -21.40 16.27 3.72
CA ALA B 352 -20.88 16.10 5.06
C ALA B 352 -21.34 17.21 6.04
N GLY B 353 -22.08 18.20 5.57
CA GLY B 353 -22.55 19.26 6.51
C GLY B 353 -21.42 20.23 6.88
N CYS B 354 -20.33 20.23 6.11
CA CYS B 354 -19.12 21.04 6.40
C CYS B 354 -19.03 22.30 5.54
N ASP B 355 -20.10 22.65 4.83
CA ASP B 355 -20.06 23.75 3.87
C ASP B 355 -20.19 25.16 4.45
N GLN B 356 -20.29 25.24 5.77
CA GLN B 356 -20.18 26.55 6.45
C GLN B 356 -18.75 26.84 6.88
N ALA B 357 -17.83 25.88 6.80
CA ALA B 357 -16.46 26.09 7.24
C ALA B 357 -15.62 26.97 6.29
N ALA B 358 -14.50 27.55 6.76
CA ALA B 358 -13.59 28.31 5.89
C ALA B 358 -12.74 27.31 5.06
N VAL B 359 -12.70 27.49 3.75
CA VAL B 359 -12.04 26.49 2.90
C VAL B 359 -10.74 27.02 2.33
N TYR B 360 -9.68 26.23 2.43
CA TYR B 360 -8.42 26.62 1.81
C TYR B 360 -8.03 25.55 0.79
N ALA B 361 -7.49 25.94 -0.37
CA ALA B 361 -7.02 24.98 -1.39
C ALA B 361 -5.54 25.26 -1.70
N PRO B 362 -4.64 24.61 -0.93
CA PRO B 362 -3.20 24.87 -1.04
C PRO B 362 -2.62 24.54 -2.41
N LYS B 363 -3.27 23.71 -3.24
CA LYS B 363 -2.72 23.43 -4.56
C LYS B 363 -2.68 24.70 -5.45
N SER B 364 -3.43 25.71 -5.04
CA SER B 364 -3.38 27.01 -5.73
C SER B 364 -1.98 27.64 -5.71
N ALA B 365 -1.17 27.29 -4.69
CA ALA B 365 0.17 27.85 -4.49
C ALA B 365 1.29 26.80 -4.60
N LEU B 366 1.02 25.57 -4.17
CA LEU B 366 2.07 24.52 -4.09
C LEU B 366 1.91 23.47 -5.16
N GLY B 367 0.80 23.53 -5.90
CA GLY B 367 0.51 22.50 -6.89
C GLY B 367 0.27 21.08 -6.35
N HIS B 368 0.35 20.09 -7.25
CA HIS B 368 -0.08 18.73 -6.90
C HIS B 368 1.18 17.86 -6.83
N SER B 369 1.39 17.18 -5.71
CA SER B 369 2.54 16.26 -5.60
C SER B 369 2.11 14.78 -5.46
N ILE B 370 0.92 14.42 -5.97
CA ILE B 370 0.48 13.02 -6.04
CA ILE B 370 0.45 13.02 -6.04
C ILE B 370 0.57 12.33 -4.68
N GLY B 371 1.46 11.37 -4.53
CA GLY B 371 1.48 10.59 -3.26
C GLY B 371 1.90 11.36 -2.01
N ALA B 372 2.59 12.49 -2.19
CA ALA B 372 3.02 13.29 -1.05
C ALA B 372 1.94 14.27 -0.69
N VAL B 373 1.00 14.54 -1.61
CA VAL B 373 0.29 15.83 -1.43
C VAL B 373 -0.65 15.83 -0.22
N GLY B 374 -1.32 14.71 0.04
CA GLY B 374 -2.18 14.70 1.21
C GLY B 374 -1.42 14.84 2.53
N ALA B 375 -0.22 14.30 2.59
CA ALA B 375 0.63 14.50 3.77
C ALA B 375 1.01 15.98 3.93
N LEU B 376 1.48 16.58 2.84
CA LEU B 376 1.79 18.03 2.84
C LEU B 376 0.61 18.87 3.35
N GLU B 377 -0.57 18.58 2.83
CA GLU B 377 -1.75 19.38 3.21
C GLU B 377 -2.20 19.04 4.65
N SER B 378 -1.95 17.84 5.15
CA SER B 378 -2.18 17.54 6.58
C SER B 378 -1.26 18.38 7.45
N VAL B 379 0.01 18.49 7.05
CA VAL B 379 0.93 19.36 7.75
C VAL B 379 0.40 20.81 7.71
N LEU B 380 -0.05 21.29 6.55
CA LEU B 380 -0.59 22.67 6.53
C LEU B 380 -1.80 22.85 7.45
N THR B 381 -2.67 21.85 7.48
CA THR B 381 -3.80 21.84 8.39
C THR B 381 -3.36 21.95 9.85
N VAL B 382 -2.30 21.23 10.20
CA VAL B 382 -1.77 21.32 11.56
C VAL B 382 -1.30 22.75 11.84
N LEU B 383 -0.60 23.33 10.86
CA LEU B 383 -0.09 24.69 11.05
C LEU B 383 -1.20 25.76 11.21
N THR B 384 -2.29 25.55 10.49
CA THR B 384 -3.44 26.43 10.59
C THR B 384 -3.97 26.43 12.03
N LEU B 385 -4.11 25.24 12.60
CA LEU B 385 -4.66 25.07 13.94
C LEU B 385 -3.63 25.64 14.95
N ARG B 386 -2.35 25.34 14.72
CA ARG B 386 -1.33 25.82 15.66
C ARG B 386 -1.30 27.35 15.70
N ASP B 387 -1.38 27.95 14.52
CA ASP B 387 -1.15 29.38 14.39
C ASP B 387 -2.41 30.25 14.31
N GLY B 388 -3.58 29.63 14.26
CA GLY B 388 -4.84 30.38 14.11
C GLY B 388 -4.94 31.19 12.83
N VAL B 389 -4.48 30.60 11.72
CA VAL B 389 -4.50 31.40 10.48
C VAL B 389 -4.64 30.47 9.27
N ILE B 390 -5.38 30.91 8.25
CA ILE B 390 -5.49 30.19 7.00
C ILE B 390 -4.88 31.06 5.91
N PRO B 391 -3.95 30.55 5.08
CA PRO B 391 -3.43 31.37 3.98
C PRO B 391 -4.49 31.64 2.89
N PRO B 392 -4.27 32.64 2.03
CA PRO B 392 -5.26 32.80 0.95
C PRO B 392 -5.12 31.72 -0.10
N THR B 393 -6.26 31.31 -0.65
CA THR B 393 -6.27 30.50 -1.88
C THR B 393 -5.91 31.40 -3.07
N LEU B 394 -4.75 31.15 -3.65
CA LEU B 394 -4.34 31.97 -4.81
C LEU B 394 -5.30 31.85 -5.99
N ASN B 395 -5.38 32.95 -6.75
CA ASN B 395 -6.00 32.97 -8.08
C ASN B 395 -7.52 32.87 -8.01
N TYR B 396 -8.04 33.06 -6.81
CA TYR B 396 -9.46 32.87 -6.59
C TYR B 396 -10.14 34.20 -6.82
N GLU B 397 -10.69 34.41 -8.02
CA GLU B 397 -11.09 35.77 -8.43
C GLU B 397 -12.58 35.89 -8.79
N THR B 398 -13.10 34.80 -9.34
CA THR B 398 -14.48 34.73 -9.79
C THR B 398 -15.17 33.53 -9.11
N PRO B 399 -16.07 33.80 -8.16
CA PRO B 399 -16.79 32.69 -7.55
C PRO B 399 -17.63 31.93 -8.57
N ASP B 400 -17.65 30.61 -8.40
CA ASP B 400 -18.37 29.69 -9.26
C ASP B 400 -19.65 29.33 -8.52
N PRO B 401 -20.83 29.64 -9.09
CA PRO B 401 -22.05 29.37 -8.29
C PRO B 401 -22.33 27.91 -7.88
N GLU B 402 -21.82 26.93 -8.63
CA GLU B 402 -22.00 25.54 -8.24
CA GLU B 402 -21.90 25.50 -8.32
C GLU B 402 -21.09 25.16 -7.06
N ILE B 403 -20.08 26.00 -6.86
N ILE B 403 -20.22 26.06 -6.62
CA ILE B 403 -19.27 26.01 -5.66
CA ILE B 403 -19.28 25.70 -5.56
C ILE B 403 -19.82 27.17 -4.83
C ILE B 403 -19.86 26.20 -4.24
N ASP B 404 -20.44 26.82 -3.72
N ASP B 404 -20.15 27.50 -4.17
CA ASP B 404 -21.01 27.84 -2.86
CA ASP B 404 -20.84 28.13 -3.03
C ASP B 404 -20.21 27.68 -1.56
C ASP B 404 -20.19 27.65 -1.72
N LEU B 405 -18.89 27.86 -1.64
CA LEU B 405 -18.08 27.60 -0.46
C LEU B 405 -17.48 28.92 0.04
N ASP B 406 -17.17 29.01 1.34
CA ASP B 406 -16.42 30.17 1.87
C ASP B 406 -14.92 29.96 1.60
N VAL B 407 -14.48 30.26 0.39
CA VAL B 407 -13.07 30.09 0.05
C VAL B 407 -12.26 31.26 0.60
N VAL B 408 -11.26 30.98 1.43
CA VAL B 408 -10.37 32.00 1.92
C VAL B 408 -9.50 32.52 0.78
N ALA B 409 -9.44 33.84 0.64
CA ALA B 409 -8.73 34.43 -0.48
C ALA B 409 -8.34 35.88 -0.18
N GLY B 410 -7.40 36.40 -0.96
CA GLY B 410 -7.00 37.81 -0.91
C GLY B 410 -5.92 38.04 0.14
N GLU B 411 -6.25 37.67 1.37
N GLU B 411 -6.19 37.68 1.38
CA GLU B 411 -5.48 37.92 2.58
CA GLU B 411 -5.15 37.81 2.37
C GLU B 411 -5.51 36.62 3.37
C GLU B 411 -5.47 36.73 3.40
N PRO B 412 -4.48 36.36 4.22
CA PRO B 412 -4.61 35.27 5.18
C PRO B 412 -5.77 35.60 6.12
N ARG B 413 -6.51 34.60 6.59
CA ARG B 413 -7.57 34.85 7.57
C ARG B 413 -7.23 34.30 8.95
N TYR B 414 -7.16 35.18 9.94
CA TYR B 414 -6.90 34.82 11.32
C TYR B 414 -8.22 34.47 12.00
N GLY B 415 -8.18 33.50 12.92
CA GLY B 415 -9.36 33.07 13.61
C GLY B 415 -8.98 32.10 14.71
N ASP B 416 -9.96 31.76 15.53
CA ASP B 416 -9.64 30.90 16.64
C ASP B 416 -10.01 29.47 16.21
N TYR B 417 -9.29 28.92 15.23
CA TYR B 417 -9.65 27.61 14.66
C TYR B 417 -9.44 26.47 15.67
N ARG B 418 -10.45 25.64 15.89
CA ARG B 418 -10.33 24.53 16.84
CA ARG B 418 -10.38 24.53 16.83
C ARG B 418 -10.40 23.16 16.16
N TYR B 419 -11.19 23.01 15.11
CA TYR B 419 -11.31 21.73 14.41
C TYR B 419 -11.27 21.91 12.90
N ALA B 420 -10.57 21.02 12.20
CA ALA B 420 -10.47 21.11 10.74
C ALA B 420 -10.48 19.71 10.18
N VAL B 421 -10.91 19.61 8.92
CA VAL B 421 -10.83 18.34 8.19
C VAL B 421 -9.94 18.59 6.96
N ASN B 422 -9.01 17.68 6.71
CA ASN B 422 -8.18 17.70 5.53
C ASN B 422 -8.74 16.63 4.64
N ASN B 423 -9.03 16.98 3.38
CA ASN B 423 -9.55 16.02 2.37
C ASN B 423 -8.44 15.65 1.39
N SER B 424 -8.45 14.39 0.95
CA SER B 424 -7.62 13.94 -0.18
CA SER B 424 -7.60 13.93 -0.17
C SER B 424 -8.36 12.86 -0.93
N PHE B 425 -8.29 12.86 -2.27
CA PHE B 425 -8.95 11.87 -3.09
C PHE B 425 -7.93 11.31 -4.09
N GLY B 426 -8.23 10.14 -4.68
CA GLY B 426 -7.24 9.54 -5.58
C GLY B 426 -7.89 8.72 -6.69
N PHE B 427 -7.23 8.69 -7.84
CA PHE B 427 -7.62 7.81 -8.94
C PHE B 427 -7.84 6.41 -8.38
N GLY B 428 -8.90 5.76 -8.86
CA GLY B 428 -9.37 4.54 -8.21
C GLY B 428 -10.67 4.80 -7.46
N GLY B 429 -10.96 6.05 -7.16
CA GLY B 429 -12.13 6.40 -6.36
C GLY B 429 -11.86 6.40 -4.85
N HIS B 430 -10.62 6.62 -4.41
CA HIS B 430 -10.29 6.62 -2.99
C HIS B 430 -10.61 7.95 -2.33
N ASN B 431 -11.25 7.92 -1.16
CA ASN B 431 -11.56 9.12 -0.42
C ASN B 431 -10.99 9.02 1.01
N VAL B 432 -10.18 10.00 1.39
CA VAL B 432 -9.59 9.99 2.72
C VAL B 432 -9.80 11.33 3.41
N ALA B 433 -10.37 11.34 4.60
CA ALA B 433 -10.49 12.57 5.36
C ALA B 433 -9.84 12.36 6.71
N LEU B 434 -9.18 13.42 7.18
CA LEU B 434 -8.50 13.44 8.49
C LEU B 434 -9.07 14.57 9.32
N ALA B 435 -9.44 14.29 10.57
CA ALA B 435 -9.95 15.36 11.44
C ALA B 435 -8.84 15.70 12.42
N PHE B 436 -8.53 16.98 12.50
CA PHE B 436 -7.46 17.51 13.36
C PHE B 436 -8.07 18.52 14.33
N GLY B 437 -7.47 18.65 15.52
CA GLY B 437 -7.93 19.70 16.40
C GLY B 437 -6.76 20.49 16.98
N ARG B 438 -7.06 21.71 17.38
CA ARG B 438 -6.06 22.53 18.01
CA ARG B 438 -6.07 22.54 18.04
C ARG B 438 -5.69 21.87 19.33
N TYR B 439 -4.44 21.97 19.72
CA TYR B 439 -4.03 21.42 21.00
C TYR B 439 -4.29 22.42 22.11
C1 EDO C . 1.93 -13.26 -19.65
O1 EDO C . 2.15 -14.01 -20.83
C2 EDO C . 0.98 -12.15 -20.04
O2 EDO C . -0.12 -12.81 -20.66
C1 EDO D . 1.12 3.11 -23.63
O1 EDO D . 1.32 4.34 -22.90
C2 EDO D . 0.21 2.07 -22.97
O2 EDO D . 0.78 1.79 -21.67
C1 EDO E . 10.72 8.88 -20.77
O1 EDO E . 11.79 9.37 -19.97
C2 EDO E . 10.91 9.41 -22.17
O2 EDO E . 12.04 10.28 -22.07
C1 EDO F . -8.42 0.58 -16.14
C1 EDO F . -9.06 0.47 -15.54
O1 EDO F . -7.07 0.28 -16.42
O1 EDO F . -9.33 1.89 -15.59
C2 EDO F . -9.25 0.42 -17.42
C2 EDO F . -9.96 -0.25 -16.54
O2 EDO F . -8.79 1.30 -18.46
O2 EDO F . -10.01 0.52 -17.76
K K G . 2.78 -18.87 4.63
C FMT H . 4.05 -36.31 8.24
O1 FMT H . 3.11 -36.48 9.08
O2 FMT H . 4.95 -35.45 8.26
N2 7RD I . 10.04 -13.77 -5.27
N1 7RD I . 10.70 -13.26 -4.49
N 7RD I . 11.36 -12.85 -3.55
C12 7RD I . 11.89 -13.86 -2.69
C11 7RD I . 13.14 -13.20 -2.20
C10 7RD I . 13.93 -14.12 -1.36
C9 7RD I . 12.97 -14.75 -0.37
C8 7RD I . 12.58 -13.86 0.78
C7 7RD I . 11.22 -13.46 1.00
O 7RD I . 10.22 -13.66 0.35
S 7RD I . 11.10 -12.51 2.57
C13 7RD I . 13.42 -13.52 1.80
O1 7RD I . 14.76 -13.73 1.81
C5 7RD I . 12.91 -12.78 3.01
C6 7RD I . 13.01 -13.76 4.19
C4 7RD I . 13.64 -11.48 3.27
C2 7RD I . 13.34 -10.54 4.15
C3 7RD I . 12.17 -10.72 5.08
C1 7RD I . 14.15 -9.31 4.26
C 7RD I . 13.93 -8.37 5.22
C M7U J . 5.86 -15.30 -10.19
O M7U J . 4.18 -10.53 -19.75
P M7U J . 3.63 -10.58 -25.11
C1 M7U J . 6.57 -14.25 -11.04
O1 M7U J . 4.52 -9.16 -21.48
C2 M7U J . 6.75 -13.02 -10.29
O2 M7U J . 7.55 -8.76 -21.44
C3 M7U J . 7.57 -11.93 -11.00
O3 M7U J . 6.55 -6.77 -21.26
C4 M7U J . 7.09 -10.58 -10.54
O4 M7U J . 4.74 -10.27 -24.01
C5 M7U J . 7.80 -9.39 -11.12
O5 M7U J . 3.59 -12.06 -25.41
C6 M7U J . 6.91 -8.17 -11.24
O6 M7U J . 4.05 -9.69 -26.31
C7 M7U J . 6.14 -8.18 -12.55
O7 M7U J . 2.29 -10.05 -24.53
C8 M7U J . 5.84 -6.79 -13.07
C9 M7U J . 4.84 -6.76 -14.20
C10 M7U J . 5.10 -7.75 -15.32
C11 M7U J . 3.93 -7.80 -16.26
C12 M7U J . 4.16 -8.47 -17.60
C13 M7U J . 2.86 -8.63 -18.34
C14 M7U J . 2.99 -8.47 -19.84
C15 M7U J . 3.94 -9.51 -20.33
C16 M7U J . 5.64 -10.00 -21.92
C17 M7U J . 6.70 -9.12 -22.55
C18 M7U J . 7.33 -7.59 -20.85
C19 M7U J . 8.22 -7.43 -19.65
C20 M7U J . 7.96 -6.12 -18.93
C21 M7U J . 8.93 -5.82 -17.82
C22 M7U J . 8.29 -4.85 -16.86
C23 M7U J . 9.20 -4.31 -15.81
C24 M7U J . 9.62 -5.34 -14.79
C25 M7U J . 10.56 -4.77 -13.76
C26 M7U J . 11.15 -5.79 -12.78
C27 M7U J . 12.21 -5.27 -11.82
C28 M7U J . 13.47 -4.76 -12.54
C29 M7U J . 12.61 -6.32 -10.80
C30 M7U J . 11.48 -6.81 -9.93
C31 M7U J . 11.13 -5.81 -8.85
C32 M7U J . 10.09 -6.33 -7.86
C33 M7U J . 9.79 -5.28 -6.76
C34 M7U J . 8.69 -5.69 -5.78
C35 M7U J . 8.87 -6.95 -4.99
C36 M7U J . 10.02 -6.99 -4.00
C37 M7U J . 5.13 -11.06 -22.86
C1 EDO K . -1.23 -15.36 24.25
O1 EDO K . -1.90 -14.15 23.84
C2 EDO K . -0.02 -15.40 23.35
O2 EDO K . 0.80 -14.37 23.87
C1 EDO L . 23.23 -15.50 -18.07
O1 EDO L . 23.33 -14.56 -19.17
C2 EDO L . 23.00 -14.81 -16.74
O2 EDO L . 21.74 -15.08 -16.10
C1 EDO M . 13.74 -6.59 -20.48
O1 EDO M . 12.34 -6.90 -20.51
C2 EDO M . 14.44 -7.53 -21.44
O2 EDO M . 14.25 -6.86 -22.68
K K N . -6.42 18.85 1.38
N2 7RD O . -0.91 15.00 -10.10
N1 7RD O . -1.91 14.45 -10.19
N 7RD O . -3.03 14.01 -10.35
C12 7RD O . -4.07 14.99 -10.54
C11 7RD O . -5.09 14.27 -11.39
C10 7RD O . -6.34 15.08 -11.59
C9 7RD O . -6.86 15.63 -10.28
C8 7RD O . -7.58 14.61 -9.44
C7 7RD O . -7.02 14.11 -8.15
O 7RD O . -6.01 14.40 -7.57
S 7RD O . -8.23 13.05 -7.43
C13 7RD O . -8.81 14.14 -9.72
O1 7RD O . -9.49 14.39 -10.81
C5 7RD O . -9.55 13.29 -8.70
C6 7RD O . -10.62 14.20 -7.99
C4 7RD O . -10.02 12.02 -9.32
C2 7RD O . -10.64 11.00 -8.73
C3 7RD O . -10.89 10.95 -7.25
C1 7RD O . -11.06 9.85 -9.49
C 7RD O . -11.64 8.77 -9.05
C M7U P . 5.20 16.43 -8.54
O M7U P . 15.06 12.45 -11.64
P M7U P . 19.62 13.26 -13.96
C1 M7U P . 5.44 15.54 -9.74
O1 M7U P . 16.09 11.22 -13.22
C2 M7U P . 4.90 14.15 -9.59
O2 M7U P . 14.81 11.13 -16.08
C3 M7U P . 5.21 13.26 -10.75
O3 M7U P . 15.26 9.03 -15.47
C4 M7U P . 5.80 11.91 -10.37
O4 M7U P . 18.15 12.76 -14.34
C5 M7U P . 5.25 10.78 -11.22
O5 M7U P . 19.64 14.79 -13.99
C6 M7U P . 5.76 9.39 -10.84
O6 M7U P . 20.53 12.58 -14.99
C7 M7U P . 7.18 9.41 -10.33
O7 M7U P . 19.94 12.67 -12.54
C8 M7U P . 7.91 8.16 -10.72
C9 M7U P . 9.39 8.18 -10.40
C10 M7U P . 10.15 9.30 -11.04
C11 M7U P . 11.53 9.40 -10.48
C12 M7U P . 12.58 10.07 -11.36
C13 M7U P . 13.87 10.23 -10.59
C14 M7U P . 15.15 10.08 -11.39
C15 M7U P . 15.43 11.39 -12.06
C16 M7U P . 15.91 12.23 -14.26
C17 M7U P . 16.10 11.60 -15.63
C18 M7U P . 14.47 9.89 -15.74
C19 M7U P . 12.98 9.73 -15.67
C20 M7U P . 12.51 8.31 -15.99
C21 M7U P . 11.03 8.10 -15.69
C22 M7U P . 10.73 6.85 -14.91
C23 M7U P . 9.39 6.21 -15.20
C24 M7U P . 8.19 7.07 -14.84
C25 M7U P . 6.89 6.44 -15.26
C26 M7U P . 5.73 7.42 -15.34
C27 M7U P . 4.42 6.80 -15.79
C28 M7U P . 4.49 6.25 -17.20
C29 M7U P . 3.36 7.87 -15.70
C30 M7U P . 3.00 8.27 -14.28
C31 M7U P . 2.36 7.12 -13.49
C32 M7U P . 1.89 7.55 -12.11
C33 M7U P . 1.19 6.44 -11.35
C34 M7U P . 0.92 6.73 -9.87
C35 M7U P . 0.04 7.90 -9.51
C36 M7U P . -1.37 7.91 -10.02
C37 M7U P . 16.88 13.35 -14.02
C1 EDO Q . -3.32 19.23 -20.61
O1 EDO Q . -3.72 17.97 -20.02
C2 EDO Q . -3.40 19.19 -22.13
O2 EDO Q . -4.74 18.90 -22.55
C1 EDO R . -21.88 12.96 14.50
O1 EDO R . -20.63 12.26 14.68
C2 EDO R . -22.04 13.20 13.01
O2 EDO R . -20.82 12.74 12.42
#